data_8GLA
#
_entry.id   8GLA
#
_cell.length_a   199.492
_cell.length_b   199.492
_cell.length_c   129.413
_cell.angle_alpha   90.00
_cell.angle_beta   90.00
_cell.angle_gamma   120.00
#
_symmetry.space_group_name_H-M   'H 3'
#
loop_
_entity.id
_entity.type
_entity.pdbx_description
1 polymer 'Proliferating cell nuclear antigen'
2 non-polymer N-[2-(3-methoxyphenoxy)phenyl]-N~2~-(naphthalene-1-carbonyl)-L-alpha-glutamine
3 non-polymer 'CHLORIDE ION'
#
_entity_poly.entity_id   1
_entity_poly.type   'polypeptide(L)'
_entity_poly.pdbx_seq_one_letter_code
;MFEARLVQGSILKKVLEALKDLINEACWDISSSGVNLQSMDSSHVSLVQLTLRSEGFDTYRCDRNLAMGVNLTSMSKILK
CAGNEDIITLRAEDNADTLALVFEAPNQEKVSDYEMKLMDLDVEQLGIPEQEYSCVVKMPSGEFARICRDLSHIGDAVVI
SCAKDGVKFSASGELGNGNIKLSQTSNVDKEEEAVTIEMNEPVQLTFALRYLNFFTKATPLSSTVTLSMSADVPLVVEYK
IADMGHLKYYLAPKIEDEEGS
;
_entity_poly.pdbx_strand_id   A,B,C,D
#
# COMPACT_ATOMS: atom_id res chain seq x y z
N PHE A 2 8.96 40.05 -28.97
CA PHE A 2 8.59 38.68 -29.27
C PHE A 2 7.66 38.15 -28.18
N GLU A 3 6.69 37.33 -28.58
CA GLU A 3 5.77 36.73 -27.63
C GLU A 3 5.12 35.51 -28.28
N ALA A 4 5.04 34.41 -27.52
CA ALA A 4 4.45 33.16 -28.00
C ALA A 4 3.74 32.48 -26.84
N ARG A 5 2.45 32.22 -27.02
CA ARG A 5 1.61 31.58 -26.01
C ARG A 5 1.24 30.18 -26.48
N LEU A 6 1.53 29.18 -25.65
CA LEU A 6 1.24 27.78 -25.96
C LEU A 6 0.42 27.22 -24.81
N VAL A 7 -0.86 26.91 -25.08
CA VAL A 7 -1.74 26.38 -24.03
C VAL A 7 -1.20 25.06 -23.51
N GLN A 8 -0.90 24.13 -24.41
CA GLN A 8 -0.35 22.84 -24.03
C GLN A 8 1.12 23.03 -23.63
N GLY A 9 1.31 23.59 -22.43
CA GLY A 9 2.64 23.82 -21.89
C GLY A 9 3.45 22.55 -21.72
N SER A 10 2.79 21.39 -21.72
CA SER A 10 3.50 20.13 -21.62
C SER A 10 4.51 19.97 -22.75
N ILE A 11 4.13 20.37 -23.96
CA ILE A 11 5.02 20.26 -25.11
C ILE A 11 6.35 20.96 -24.84
N LEU A 12 6.29 22.16 -24.25
CA LEU A 12 7.52 22.88 -23.92
C LEU A 12 8.32 22.16 -22.85
N LYS A 13 7.64 21.57 -21.86
CA LYS A 13 8.33 20.82 -20.81
C LYS A 13 9.04 19.60 -21.38
N LYS A 14 8.31 18.77 -22.12
CA LYS A 14 8.88 17.54 -22.65
C LYS A 14 10.01 17.81 -23.64
N VAL A 15 9.92 18.93 -24.38
CA VAL A 15 11.00 19.26 -25.32
C VAL A 15 12.29 19.53 -24.55
N LEU A 16 12.28 20.49 -23.63
CA LEU A 16 13.48 20.80 -22.86
C LEU A 16 14.03 19.56 -22.16
N GLU A 17 13.16 18.72 -21.62
CA GLU A 17 13.63 17.48 -21.01
C GLU A 17 14.24 16.52 -22.03
N ALA A 18 13.91 16.68 -23.31
CA ALA A 18 14.51 15.82 -24.33
C ALA A 18 15.98 16.18 -24.56
N LEU A 19 16.30 17.48 -24.59
CA LEU A 19 17.63 17.93 -24.97
C LEU A 19 18.55 18.26 -23.80
N LYS A 20 18.06 18.28 -22.56
CA LYS A 20 18.91 18.73 -21.46
C LYS A 20 20.17 17.88 -21.34
N ASP A 21 20.08 16.58 -21.62
CA ASP A 21 21.23 15.70 -21.41
C ASP A 21 22.16 15.70 -22.62
N LEU A 22 21.63 15.86 -23.82
CA LEU A 22 22.48 15.85 -25.01
C LEU A 22 23.26 17.15 -25.14
N ILE A 23 22.56 18.27 -25.23
CA ILE A 23 23.18 19.58 -25.39
C ILE A 23 22.82 20.44 -24.19
N ASN A 24 23.80 21.21 -23.71
CA ASN A 24 23.57 22.11 -22.58
C ASN A 24 23.20 23.52 -23.00
N GLU A 25 23.61 23.94 -24.19
CA GLU A 25 23.36 25.30 -24.68
C GLU A 25 23.04 25.23 -26.16
N ALA A 26 22.29 26.23 -26.64
CA ALA A 26 21.85 26.21 -28.04
C ALA A 26 21.36 27.60 -28.44
N CYS A 27 21.50 27.91 -29.73
CA CYS A 27 20.94 29.13 -30.28
C CYS A 27 19.52 28.84 -30.75
N TRP A 28 18.62 29.77 -30.49
CA TRP A 28 17.22 29.64 -30.91
C TRP A 28 16.94 30.67 -31.99
N ASP A 29 16.68 30.19 -33.20
CA ASP A 29 16.32 31.07 -34.31
C ASP A 29 14.85 31.45 -34.16
N ILE A 30 14.60 32.39 -33.25
CA ILE A 30 13.27 32.97 -33.07
C ILE A 30 12.88 33.64 -34.38
N SER A 31 12.02 32.98 -35.14
CA SER A 31 11.63 33.46 -36.45
C SER A 31 10.12 33.55 -36.54
N SER A 32 9.64 34.48 -37.38
CA SER A 32 8.21 34.63 -37.59
C SER A 32 7.58 33.35 -38.09
N SER A 33 8.32 32.55 -38.85
CA SER A 33 7.85 31.24 -39.29
C SER A 33 7.78 30.28 -38.11
N GLY A 34 8.92 30.01 -37.49
CA GLY A 34 8.95 29.04 -36.42
C GLY A 34 10.12 29.24 -35.49
N VAL A 35 10.00 28.61 -34.31
CA VAL A 35 11.08 28.55 -33.34
C VAL A 35 12.05 27.43 -33.69
N ASN A 36 12.84 27.62 -34.73
CA ASN A 36 13.79 26.58 -35.12
C ASN A 36 15.05 26.68 -34.27
N LEU A 37 15.46 25.55 -33.69
CA LEU A 37 16.70 25.43 -32.94
C LEU A 37 17.54 24.33 -33.57
N GLN A 38 18.85 24.54 -33.59
CA GLN A 38 19.76 23.55 -34.19
C GLN A 38 21.11 23.67 -33.49
N SER A 39 21.49 22.64 -32.76
CA SER A 39 22.73 22.66 -31.99
C SER A 39 23.31 21.25 -31.97
N MET A 40 24.56 21.16 -31.52
CA MET A 40 25.33 19.93 -31.53
C MET A 40 25.86 19.67 -30.13
N ASP A 41 26.15 18.40 -29.83
CA ASP A 41 26.64 18.08 -28.49
C ASP A 41 28.06 18.60 -28.31
N SER A 42 28.64 18.31 -27.14
CA SER A 42 30.00 18.75 -26.88
C SER A 42 31.01 17.97 -27.70
N SER A 43 30.79 16.66 -27.85
CA SER A 43 31.77 15.76 -28.45
C SER A 43 31.66 15.67 -29.97
N HIS A 44 30.73 16.40 -30.58
CA HIS A 44 30.61 16.53 -32.03
C HIS A 44 30.29 15.19 -32.70
N VAL A 45 29.42 14.40 -32.07
CA VAL A 45 29.01 13.12 -32.62
C VAL A 45 27.50 13.08 -32.86
N SER A 46 26.81 14.20 -32.69
CA SER A 46 25.36 14.21 -32.84
C SER A 46 24.87 15.64 -33.04
N LEU A 47 23.72 15.76 -33.70
CA LEU A 47 23.08 17.05 -33.93
C LEU A 47 21.58 16.94 -33.75
N VAL A 48 20.99 17.96 -33.12
CA VAL A 48 19.55 18.06 -32.94
C VAL A 48 19.03 19.22 -33.79
N GLN A 49 17.81 19.06 -34.30
CA GLN A 49 17.13 20.14 -35.00
C GLN A 49 15.70 20.18 -34.49
N LEU A 50 15.31 21.33 -33.97
CA LEU A 50 14.00 21.54 -33.37
C LEU A 50 13.20 22.48 -34.26
N THR A 51 12.01 22.05 -34.69
CA THR A 51 11.10 22.89 -35.46
C THR A 51 9.84 23.11 -34.65
N LEU A 52 9.56 24.37 -34.32
CA LEU A 52 8.33 24.76 -33.64
C LEU A 52 7.56 25.73 -34.53
N ARG A 53 6.61 25.20 -35.30
CA ARG A 53 5.82 26.05 -36.18
C ARG A 53 5.04 27.06 -35.35
N SER A 54 4.97 28.30 -35.87
CA SER A 54 4.13 29.30 -35.22
C SER A 54 2.66 28.91 -35.26
N GLU A 55 2.28 28.01 -36.17
CA GLU A 55 0.90 27.54 -36.25
C GLU A 55 0.48 26.88 -34.94
N GLY A 56 1.36 26.06 -34.36
CA GLY A 56 1.03 25.41 -33.10
C GLY A 56 0.84 26.40 -31.96
N PHE A 57 1.60 27.50 -31.96
CA PHE A 57 1.42 28.52 -30.94
C PHE A 57 0.08 29.23 -31.13
N ASP A 58 -0.68 29.33 -30.04
CA ASP A 58 -2.00 29.94 -30.12
C ASP A 58 -1.92 31.42 -30.46
N THR A 59 -1.06 32.14 -29.74
CA THR A 59 -0.75 33.53 -30.08
C THR A 59 0.76 33.64 -30.25
N TYR A 60 1.19 34.01 -31.45
CA TYR A 60 2.60 34.09 -31.79
C TYR A 60 2.87 35.46 -32.40
N ARG A 61 3.77 36.23 -31.79
CA ARG A 61 4.06 37.57 -32.28
C ARG A 61 5.35 37.58 -33.09
N CYS A 62 6.51 37.53 -32.40
CA CYS A 62 7.84 37.56 -33.01
C CYS A 62 7.92 38.41 -34.26
N ASP A 63 8.11 39.71 -34.11
CA ASP A 63 8.28 40.57 -35.28
C ASP A 63 9.73 40.54 -35.79
N ARG A 64 10.60 41.35 -35.20
CA ARG A 64 12.00 41.39 -35.60
C ARG A 64 12.68 40.05 -35.35
N ASN A 65 13.37 39.54 -36.37
CA ASN A 65 13.98 38.22 -36.28
C ASN A 65 15.04 38.22 -35.19
N LEU A 66 15.16 37.10 -34.49
CA LEU A 66 15.93 37.07 -33.26
C LEU A 66 16.66 35.74 -33.18
N ALA A 67 17.88 35.76 -32.64
CA ALA A 67 18.64 34.54 -32.36
C ALA A 67 18.98 34.50 -30.87
N MET A 68 18.19 33.76 -30.10
CA MET A 68 18.41 33.60 -28.67
C MET A 68 19.41 32.48 -28.37
N GLY A 69 20.45 32.81 -27.63
CA GLY A 69 21.27 31.81 -26.96
C GLY A 69 20.68 31.49 -25.59
N VAL A 70 20.51 30.20 -25.32
CA VAL A 70 19.80 29.73 -24.14
C VAL A 70 20.62 28.64 -23.45
N ASN A 71 20.62 28.66 -22.12
CA ASN A 71 21.21 27.60 -21.30
C ASN A 71 20.09 26.62 -20.95
N LEU A 72 20.02 25.51 -21.71
CA LEU A 72 18.89 24.60 -21.57
C LEU A 72 18.81 24.04 -20.15
N THR A 73 19.96 23.75 -19.53
CA THR A 73 19.94 23.28 -18.15
C THR A 73 19.20 24.27 -17.26
N SER A 74 19.55 25.55 -17.35
CA SER A 74 18.84 26.57 -16.60
C SER A 74 17.37 26.65 -17.02
N MET A 75 17.12 26.62 -18.33
CA MET A 75 15.74 26.69 -18.81
C MET A 75 14.95 25.45 -18.40
N SER A 76 15.60 24.28 -18.41
CA SER A 76 14.90 23.06 -18.05
C SER A 76 14.35 23.14 -16.63
N LYS A 77 15.14 23.66 -15.69
CA LYS A 77 14.66 23.81 -14.33
C LYS A 77 13.48 24.78 -14.27
N ILE A 78 13.60 25.91 -14.95
CA ILE A 78 12.51 26.87 -15.01
C ILE A 78 11.27 26.23 -15.63
N LEU A 79 11.45 25.50 -16.73
CA LEU A 79 10.30 24.91 -17.40
C LEU A 79 9.73 23.73 -16.63
N LYS A 80 10.54 23.03 -15.84
CA LYS A 80 9.99 21.94 -15.03
C LYS A 80 9.31 22.43 -13.76
N CYS A 81 9.37 23.74 -13.46
CA CYS A 81 8.61 24.28 -12.34
C CYS A 81 7.11 24.18 -12.58
N ALA A 82 6.66 24.48 -13.80
CA ALA A 82 5.25 24.46 -14.13
C ALA A 82 4.75 23.03 -14.32
N GLY A 83 3.47 22.83 -14.00
CA GLY A 83 2.85 21.54 -14.20
C GLY A 83 2.38 21.35 -15.62
N ASN A 84 2.15 20.09 -16.00
CA ASN A 84 1.80 19.74 -17.37
C ASN A 84 0.49 20.36 -17.84
N GLU A 85 -0.27 20.99 -16.96
CA GLU A 85 -1.51 21.65 -17.34
C GLU A 85 -1.35 23.16 -17.55
N ASP A 86 -0.32 23.76 -16.96
CA ASP A 86 -0.16 25.21 -16.98
C ASP A 86 -0.01 25.73 -18.41
N ILE A 87 -0.51 26.95 -18.62
CA ILE A 87 -0.37 27.64 -19.90
C ILE A 87 0.91 28.45 -19.86
N ILE A 88 1.73 28.34 -20.90
CA ILE A 88 3.07 28.93 -20.91
C ILE A 88 3.14 29.98 -22.01
N THR A 89 3.66 31.16 -21.65
CA THR A 89 3.92 32.25 -22.58
C THR A 89 5.38 32.64 -22.49
N LEU A 90 5.99 32.94 -23.64
CA LEU A 90 7.39 33.35 -23.69
C LEU A 90 7.48 34.73 -24.34
N ARG A 91 8.31 35.61 -23.77
CA ARG A 91 8.41 36.98 -24.26
C ARG A 91 9.85 37.45 -24.24
N ALA A 92 10.18 38.37 -25.15
CA ALA A 92 11.54 38.91 -25.27
C ALA A 92 11.51 40.16 -26.14
N GLU A 93 12.54 40.98 -25.97
CA GLU A 93 12.67 42.24 -26.72
C GLU A 93 13.82 42.17 -27.73
N ASP A 97 17.25 41.87 -23.64
CA ASP A 97 17.59 40.51 -24.05
C ASP A 97 17.58 39.54 -22.86
N THR A 98 16.39 39.26 -22.35
CA THR A 98 16.20 38.34 -21.23
C THR A 98 14.93 37.56 -21.49
N LEU A 99 15.04 36.25 -21.68
CA LEU A 99 13.87 35.45 -22.02
C LEU A 99 12.93 35.38 -20.83
N ALA A 100 11.68 35.80 -21.05
CA ALA A 100 10.65 35.76 -20.03
C ALA A 100 9.72 34.59 -20.29
N LEU A 101 9.33 33.91 -19.21
CA LEU A 101 8.42 32.77 -19.27
C LEU A 101 7.38 32.92 -18.18
N VAL A 102 6.11 32.76 -18.54
CA VAL A 102 4.98 32.94 -17.62
C VAL A 102 4.15 31.66 -17.63
N PHE A 103 3.71 31.24 -16.44
CA PHE A 103 2.95 30.00 -16.26
C PHE A 103 1.60 30.32 -15.60
N GLU A 104 0.51 30.13 -16.33
CA GLU A 104 -0.83 30.28 -15.80
C GLU A 104 -1.29 28.94 -15.22
N ALA A 105 -2.60 28.81 -14.97
CA ALA A 105 -3.15 27.59 -14.40
C ALA A 105 -4.59 27.40 -14.83
N LYS A 110 -3.73 30.91 -9.46
CA LYS A 110 -2.29 31.07 -9.25
C LYS A 110 -1.55 31.29 -10.57
N VAL A 111 -0.68 32.29 -10.58
CA VAL A 111 0.15 32.60 -11.74
C VAL A 111 1.56 32.90 -11.26
N SER A 112 2.55 32.32 -11.94
CA SER A 112 3.95 32.51 -11.60
C SER A 112 4.74 32.91 -12.84
N ASP A 113 5.68 33.83 -12.66
CA ASP A 113 6.51 34.32 -13.74
C ASP A 113 7.98 34.24 -13.35
N TYR A 114 8.80 33.67 -14.23
CA TYR A 114 10.23 33.62 -14.07
C TYR A 114 10.90 34.32 -15.25
N GLU A 115 12.16 34.70 -15.06
CA GLU A 115 12.96 35.30 -16.12
C GLU A 115 14.31 34.62 -16.19
N MET A 116 14.71 34.24 -17.39
CA MET A 116 15.96 33.51 -17.61
C MET A 116 16.95 34.44 -18.29
N LYS A 117 18.14 34.58 -17.70
CA LYS A 117 19.21 35.38 -18.28
C LYS A 117 19.72 34.72 -19.55
N LEU A 118 19.41 35.29 -20.71
CA LEU A 118 19.93 34.76 -21.95
C LEU A 118 21.44 34.90 -22.00
N MET A 119 22.05 34.25 -22.99
CA MET A 119 23.49 34.31 -23.15
C MET A 119 23.84 34.78 -24.56
N ASP A 120 25.12 34.77 -24.90
CA ASP A 120 25.60 35.21 -26.22
C ASP A 120 26.02 33.96 -26.99
N LEU A 121 25.09 33.39 -27.73
CA LEU A 121 25.35 32.20 -28.54
C LEU A 121 24.63 32.39 -29.88
N ASP A 122 25.39 32.77 -30.91
CA ASP A 122 24.87 32.96 -32.26
C ASP A 122 25.83 32.32 -33.26
N VAL A 123 25.79 30.99 -33.32
CA VAL A 123 26.42 30.26 -34.40
C VAL A 123 25.40 30.08 -35.51
N GLU A 124 25.79 30.45 -36.73
CA GLU A 124 24.84 30.47 -37.83
C GLU A 124 24.42 29.06 -38.21
N GLN A 125 23.12 28.81 -38.13
CA GLN A 125 22.53 27.54 -38.53
C GLN A 125 22.91 27.22 -39.98
N LEU A 126 23.10 25.94 -40.27
CA LEU A 126 23.50 25.49 -41.60
C LEU A 126 22.41 24.63 -42.21
N GLY A 127 22.43 24.55 -43.54
CA GLY A 127 21.38 23.86 -44.26
C GLY A 127 21.58 22.37 -44.42
N ILE A 128 20.62 21.58 -43.95
CA ILE A 128 20.66 20.13 -44.12
C ILE A 128 19.82 19.76 -45.33
N PRO A 129 20.29 18.87 -46.18
CA PRO A 129 19.47 18.48 -47.34
C PRO A 129 18.67 17.21 -47.10
N GLU A 130 17.45 17.17 -47.65
CA GLU A 130 16.63 15.97 -47.61
C GLU A 130 17.33 14.86 -48.38
N GLN A 131 17.86 13.87 -47.67
CA GLN A 131 18.61 12.79 -48.28
C GLN A 131 17.75 11.54 -48.40
N GLU A 132 17.99 10.78 -49.46
CA GLU A 132 17.38 9.46 -49.56
C GLU A 132 18.06 8.51 -48.58
N TYR A 133 17.28 7.58 -48.05
CA TYR A 133 17.77 6.67 -47.02
C TYR A 133 17.50 5.23 -47.44
N SER A 134 18.51 4.39 -47.27
CA SER A 134 18.42 3.01 -47.73
C SER A 134 17.34 2.25 -46.99
N CYS A 135 17.30 2.37 -45.66
CA CYS A 135 16.30 1.72 -44.85
C CYS A 135 15.69 2.74 -43.90
N VAL A 136 14.37 2.70 -43.77
CA VAL A 136 13.66 3.62 -42.88
C VAL A 136 12.65 2.82 -42.08
N VAL A 137 12.69 2.96 -40.76
CA VAL A 137 11.84 2.19 -39.85
C VAL A 137 10.91 3.15 -39.12
N LYS A 138 9.68 2.69 -38.85
CA LYS A 138 8.72 3.42 -38.03
C LYS A 138 8.15 2.43 -37.01
N MET A 139 8.68 2.49 -35.79
CA MET A 139 8.25 1.62 -34.70
C MET A 139 7.54 2.40 -33.61
N PRO A 140 6.82 1.72 -32.71
CA PRO A 140 6.32 2.40 -31.51
C PRO A 140 7.48 2.80 -30.60
N SER A 141 7.41 4.03 -30.07
CA SER A 141 8.52 4.60 -29.33
C SER A 141 8.96 3.71 -28.18
N GLY A 142 7.98 3.18 -27.43
CA GLY A 142 8.26 2.32 -26.30
C GLY A 142 9.18 1.15 -26.64
N GLU A 143 8.85 0.40 -27.68
CA GLU A 143 9.72 -0.67 -28.17
C GLU A 143 11.14 -0.17 -28.38
N PHE A 144 11.30 0.90 -29.16
CA PHE A 144 12.63 1.44 -29.42
C PHE A 144 13.39 1.73 -28.13
N ALA A 145 12.70 2.27 -27.12
CA ALA A 145 13.30 2.53 -25.82
C ALA A 145 13.82 1.23 -25.20
N ARG A 146 12.89 0.36 -24.79
CA ARG A 146 13.24 -0.93 -24.20
C ARG A 146 14.31 -1.63 -25.02
N ILE A 147 14.10 -1.75 -26.34
CA ILE A 147 15.09 -2.38 -27.21
C ILE A 147 16.46 -1.74 -26.99
N CYS A 148 16.53 -0.40 -27.01
CA CYS A 148 17.79 0.27 -26.72
C CYS A 148 18.27 -0.04 -25.30
N ARG A 149 17.39 0.15 -24.32
CA ARG A 149 17.76 -0.03 -22.92
C ARG A 149 18.28 -1.43 -22.65
N ASP A 150 17.46 -2.45 -22.97
CA ASP A 150 17.87 -3.83 -22.69
C ASP A 150 19.19 -4.18 -23.38
N LEU A 151 19.36 -3.73 -24.62
CA LEU A 151 20.61 -4.03 -25.33
C LEU A 151 21.80 -3.32 -24.71
N SER A 152 21.58 -2.19 -24.03
CA SER A 152 22.69 -1.46 -23.44
C SER A 152 23.26 -2.19 -22.22
N HIS A 153 22.41 -2.90 -21.47
CA HIS A 153 22.91 -3.75 -20.40
C HIS A 153 23.91 -4.76 -20.94
N ILE A 154 23.66 -5.29 -22.14
CA ILE A 154 24.57 -6.26 -22.75
C ILE A 154 25.87 -5.57 -23.16
N GLY A 155 25.79 -4.63 -24.10
CA GLY A 155 26.93 -3.87 -24.56
C GLY A 155 26.57 -2.43 -24.91
N ASP A 156 27.52 -1.68 -25.48
CA ASP A 156 27.33 -0.27 -25.80
C ASP A 156 27.36 0.02 -27.30
N ALA A 157 26.74 -0.85 -28.09
CA ALA A 157 26.69 -0.68 -29.54
C ALA A 157 25.59 -1.56 -30.10
N VAL A 158 24.66 -0.95 -30.83
CA VAL A 158 23.59 -1.67 -31.49
C VAL A 158 23.91 -1.79 -32.98
N VAL A 159 23.67 -2.97 -33.54
CA VAL A 159 23.90 -3.23 -34.95
C VAL A 159 22.57 -3.33 -35.67
N ILE A 160 22.05 -2.19 -36.15
CA ILE A 160 20.75 -2.17 -36.81
C ILE A 160 20.93 -2.68 -38.23
N SER A 161 20.43 -3.88 -38.49
CA SER A 161 20.38 -4.44 -39.83
C SER A 161 18.95 -4.34 -40.35
N CYS A 162 18.79 -4.58 -41.65
CA CYS A 162 17.50 -4.37 -42.30
C CYS A 162 17.22 -5.50 -43.27
N ALA A 163 16.11 -6.20 -43.07
CA ALA A 163 15.59 -7.19 -44.00
C ALA A 163 14.09 -6.99 -44.13
N LYS A 164 13.57 -7.24 -45.34
CA LYS A 164 12.15 -6.98 -45.63
C LYS A 164 11.28 -7.83 -44.71
N VAL A 167 13.92 -5.72 -39.72
CA VAL A 167 14.95 -5.02 -38.98
C VAL A 167 15.34 -5.82 -37.73
N LYS A 168 16.63 -5.85 -37.43
CA LYS A 168 17.13 -6.55 -36.26
C LYS A 168 18.12 -5.65 -35.52
N PHE A 169 17.95 -5.55 -34.20
CA PHE A 169 18.88 -4.85 -33.33
C PHE A 169 19.72 -5.89 -32.60
N SER A 170 21.04 -5.72 -32.62
CA SER A 170 21.93 -6.71 -32.02
C SER A 170 23.06 -6.02 -31.26
N ALA A 171 23.62 -6.74 -30.29
CA ALA A 171 24.71 -6.22 -29.47
C ALA A 171 25.50 -7.39 -28.89
N SER A 172 26.78 -7.12 -28.59
CA SER A 172 27.65 -8.12 -27.99
C SER A 172 28.45 -7.46 -26.88
N GLY A 173 28.50 -8.13 -25.73
CA GLY A 173 29.16 -7.57 -24.56
C GLY A 173 29.96 -8.55 -23.74
N GLU A 174 30.25 -8.18 -22.49
CA GLU A 174 31.09 -9.03 -21.64
C GLU A 174 30.33 -10.24 -21.13
N LEU A 175 29.07 -10.06 -20.73
CA LEU A 175 28.30 -11.19 -20.23
C LEU A 175 27.79 -12.08 -21.35
N GLY A 176 27.53 -11.51 -22.53
CA GLY A 176 27.07 -12.32 -23.65
C GLY A 176 26.83 -11.52 -24.91
N ASN A 177 25.96 -12.03 -25.78
CA ASN A 177 25.59 -11.36 -27.02
C ASN A 177 24.09 -11.47 -27.19
N GLY A 178 23.49 -10.49 -27.86
CA GLY A 178 22.05 -10.44 -28.01
C GLY A 178 21.63 -9.93 -29.36
N ASN A 179 20.45 -10.37 -29.80
CA ASN A 179 19.86 -9.88 -31.05
C ASN A 179 18.35 -9.88 -30.89
N ILE A 180 17.72 -8.72 -31.13
CA ILE A 180 16.27 -8.57 -31.05
C ILE A 180 15.75 -8.29 -32.46
N LYS A 181 14.77 -9.09 -32.88
CA LYS A 181 14.22 -9.00 -34.23
C LYS A 181 12.77 -8.55 -34.16
N LEU A 182 12.43 -7.54 -34.95
CA LEU A 182 11.07 -7.02 -35.05
C LEU A 182 10.56 -7.22 -36.47
N SER A 183 9.30 -7.64 -36.58
CA SER A 183 8.69 -7.99 -37.85
C SER A 183 7.72 -6.90 -38.29
N GLN A 184 7.42 -6.88 -39.59
CA GLN A 184 6.55 -5.88 -40.19
C GLN A 184 5.11 -6.01 -39.67
N GLU A 193 2.01 0.16 -31.39
CA GLU A 193 1.41 0.61 -32.65
C GLU A 193 1.80 -0.35 -33.78
N ALA A 194 2.33 0.19 -34.88
CA ALA A 194 2.67 -0.60 -36.05
C ALA A 194 4.15 -0.42 -36.38
N VAL A 195 4.64 -1.28 -37.28
CA VAL A 195 6.03 -1.29 -37.70
C VAL A 195 6.09 -1.36 -39.22
N THR A 196 6.81 -0.43 -39.84
CA THR A 196 6.98 -0.38 -41.29
C THR A 196 8.46 -0.24 -41.61
N ILE A 197 8.92 -0.98 -42.63
CA ILE A 197 10.33 -1.02 -43.00
C ILE A 197 10.41 -0.83 -44.52
N GLU A 198 10.58 0.41 -44.96
CA GLU A 198 10.89 0.66 -46.37
C GLU A 198 12.39 0.48 -46.56
N MET A 199 12.76 -0.57 -47.29
CA MET A 199 14.15 -0.92 -47.53
C MET A 199 14.43 -0.83 -49.02
N ASN A 200 14.96 0.31 -49.48
CA ASN A 200 15.40 0.41 -50.87
C ASN A 200 16.65 -0.44 -51.10
N GLU A 201 17.62 -0.35 -50.18
CA GLU A 201 18.85 -1.14 -50.23
C GLU A 201 19.11 -1.63 -48.81
N PRO A 202 19.39 -2.90 -48.61
CA PRO A 202 19.70 -3.40 -47.26
C PRO A 202 21.01 -2.84 -46.75
N VAL A 203 20.97 -2.26 -45.55
CA VAL A 203 22.15 -1.70 -44.91
C VAL A 203 22.23 -2.23 -43.49
N GLN A 204 23.46 -2.29 -42.98
CA GLN A 204 23.73 -2.64 -41.59
C GLN A 204 24.72 -1.64 -41.03
N LEU A 205 24.42 -1.08 -39.86
CA LEU A 205 25.26 -0.06 -39.24
C LEU A 205 25.37 -0.33 -37.74
N THR A 206 26.39 0.25 -37.13
CA THR A 206 26.62 0.13 -35.70
C THR A 206 26.62 1.53 -35.07
N PHE A 207 25.77 1.73 -34.07
CA PHE A 207 25.60 3.03 -33.44
C PHE A 207 25.83 2.91 -31.93
N ALA A 208 26.27 4.02 -31.33
CA ALA A 208 26.56 4.03 -29.89
C ALA A 208 25.27 4.13 -29.10
N LEU A 209 25.06 3.18 -28.19
CA LEU A 209 23.78 3.10 -27.49
C LEU A 209 23.61 4.23 -26.47
N ARG A 210 24.71 4.68 -25.87
CA ARG A 210 24.61 5.78 -24.92
C ARG A 210 23.98 7.00 -25.56
N TYR A 211 24.46 7.36 -26.77
CA TYR A 211 23.92 8.53 -27.45
C TYR A 211 22.48 8.30 -27.88
N LEU A 212 22.14 7.08 -28.27
CA LEU A 212 20.76 6.77 -28.65
C LEU A 212 19.83 6.93 -27.47
N ASN A 213 20.26 6.52 -26.27
CA ASN A 213 19.43 6.66 -25.09
C ASN A 213 19.24 8.10 -24.66
N PHE A 214 20.05 9.04 -25.17
CA PHE A 214 19.72 10.45 -25.02
C PHE A 214 18.53 10.82 -25.90
N PHE A 215 18.44 10.22 -27.09
CA PHE A 215 17.34 10.53 -27.99
C PHE A 215 16.01 9.99 -27.44
N THR A 216 16.04 8.86 -26.75
CA THR A 216 14.82 8.26 -26.22
C THR A 216 14.19 9.10 -25.12
N LYS A 217 14.88 10.16 -24.65
CA LYS A 217 14.28 11.06 -23.68
C LYS A 217 13.20 11.93 -24.28
N ALA A 218 13.12 12.00 -25.61
CA ALA A 218 12.05 12.70 -26.33
C ALA A 218 10.86 11.79 -26.61
N THR A 219 10.82 10.60 -26.03
CA THR A 219 9.69 9.71 -26.25
C THR A 219 8.36 10.28 -25.76
N PRO A 220 8.26 10.96 -24.62
CA PRO A 220 6.97 11.56 -24.23
C PRO A 220 6.39 12.50 -25.28
N LEU A 221 7.17 12.95 -26.26
CA LEU A 221 6.65 13.90 -27.23
C LEU A 221 5.62 13.26 -28.15
N SER A 222 5.87 12.03 -28.58
CA SER A 222 4.92 11.25 -29.38
C SER A 222 5.40 9.81 -29.42
N SER A 223 4.55 8.95 -29.97
CA SER A 223 4.85 7.52 -30.03
C SER A 223 5.48 7.09 -31.35
N THR A 224 5.33 7.86 -32.42
CA THR A 224 5.90 7.51 -33.72
C THR A 224 7.36 7.94 -33.74
N VAL A 225 8.27 6.97 -33.64
CA VAL A 225 9.69 7.19 -33.84
C VAL A 225 10.07 6.61 -35.19
N THR A 226 10.82 7.37 -35.97
CA THR A 226 11.21 6.95 -37.31
C THR A 226 12.73 6.98 -37.44
N LEU A 227 13.32 5.81 -37.72
CA LEU A 227 14.76 5.67 -37.85
C LEU A 227 15.11 5.69 -39.32
N SER A 228 15.27 6.90 -39.87
CA SER A 228 15.78 7.05 -41.23
C SER A 228 17.27 6.78 -41.23
N MET A 229 17.68 5.72 -41.92
CA MET A 229 19.02 5.17 -41.77
C MET A 229 19.59 4.80 -43.12
N SER A 230 20.86 5.13 -43.33
CA SER A 230 21.52 4.84 -44.59
C SER A 230 23.01 5.04 -44.46
N ALA A 231 23.80 4.10 -44.99
CA ALA A 231 25.22 4.34 -45.14
C ALA A 231 25.44 5.56 -46.02
N ASP A 232 26.57 6.23 -45.81
CA ASP A 232 27.01 7.46 -46.45
C ASP A 232 26.35 8.69 -45.82
N VAL A 233 25.39 8.52 -44.92
CA VAL A 233 24.77 9.63 -44.19
C VAL A 233 24.48 9.19 -42.77
N PRO A 234 24.44 10.14 -41.85
CA PRO A 234 24.15 9.80 -40.45
C PRO A 234 22.70 9.41 -40.25
N LEU A 235 22.50 8.50 -39.30
CA LEU A 235 21.16 8.09 -38.91
C LEU A 235 20.41 9.30 -38.34
N VAL A 236 19.09 9.29 -38.52
CA VAL A 236 18.22 10.38 -38.10
C VAL A 236 17.04 9.77 -37.37
N VAL A 237 17.08 9.77 -36.04
CA VAL A 237 15.92 9.41 -35.23
C VAL A 237 15.03 10.64 -35.13
N GLU A 238 13.84 10.56 -35.71
CA GLU A 238 12.91 11.70 -35.78
C GLU A 238 11.72 11.46 -34.87
N TYR A 239 11.42 12.45 -34.04
CA TYR A 239 10.22 12.47 -33.21
C TYR A 239 9.37 13.66 -33.64
N LYS A 240 8.05 13.50 -33.58
CA LYS A 240 7.12 14.46 -34.17
C LYS A 240 6.29 15.12 -33.07
N ILE A 241 6.58 16.38 -32.77
CA ILE A 241 5.71 17.17 -31.90
C ILE A 241 4.40 17.45 -32.62
N ALA A 242 3.30 17.03 -32.01
CA ALA A 242 1.99 17.08 -32.67
C ALA A 242 1.54 18.51 -32.93
N ASP A 243 0.96 18.73 -34.12
CA ASP A 243 0.39 20.01 -34.52
C ASP A 243 1.42 21.13 -34.62
N MET A 244 2.62 20.88 -34.09
CA MET A 244 3.70 21.84 -34.15
C MET A 244 4.73 21.33 -35.15
N GLY A 245 5.96 21.10 -34.71
CA GLY A 245 6.98 20.62 -35.61
C GLY A 245 7.51 19.23 -35.31
N HIS A 246 8.84 19.11 -35.23
CA HIS A 246 9.46 17.81 -35.07
C HIS A 246 10.84 17.96 -34.42
N LEU A 247 11.28 16.87 -33.81
CA LEU A 247 12.61 16.75 -33.20
C LEU A 247 13.40 15.67 -33.91
N LYS A 248 14.43 16.08 -34.66
CA LYS A 248 15.29 15.17 -35.41
C LYS A 248 16.61 14.99 -34.67
N TYR A 249 17.01 13.74 -34.48
CA TYR A 249 18.27 13.39 -33.83
C TYR A 249 19.18 12.68 -34.83
N TYR A 250 20.32 13.31 -35.12
CA TYR A 250 21.31 12.76 -36.04
C TYR A 250 22.44 12.09 -35.27
N LEU A 251 22.84 10.89 -35.70
CA LEU A 251 23.92 10.16 -35.06
C LEU A 251 24.90 9.62 -36.10
N ALA A 252 26.18 9.66 -35.76
CA ALA A 252 27.26 9.21 -36.63
C ALA A 252 27.58 7.75 -36.36
N PRO A 253 27.66 6.92 -37.40
CA PRO A 253 28.10 5.53 -37.21
C PRO A 253 29.51 5.46 -36.66
N LYS A 254 29.89 4.27 -36.22
CA LYS A 254 31.21 4.05 -35.67
C LYS A 254 31.99 3.16 -36.64
N MET B 1 21.27 -31.84 -26.04
CA MET B 1 20.52 -30.57 -26.11
C MET B 1 19.44 -30.50 -25.03
N PHE B 2 19.32 -29.33 -24.42
CA PHE B 2 18.31 -29.07 -23.40
C PHE B 2 17.39 -27.95 -23.88
N GLU B 3 16.09 -28.20 -23.83
CA GLU B 3 15.10 -27.26 -24.36
C GLU B 3 13.88 -27.27 -23.44
N ALA B 4 13.64 -26.15 -22.76
CA ALA B 4 12.48 -25.97 -21.93
C ALA B 4 11.79 -24.67 -22.31
N ARG B 5 10.49 -24.72 -22.54
CA ARG B 5 9.69 -23.55 -22.90
C ARG B 5 8.73 -23.26 -21.76
N LEU B 6 8.74 -22.02 -21.27
CA LEU B 6 7.92 -21.60 -20.14
C LEU B 6 7.05 -20.44 -20.60
N VAL B 7 5.73 -20.66 -20.67
CA VAL B 7 4.82 -19.64 -21.18
C VAL B 7 4.86 -18.40 -20.30
N GLN B 8 4.92 -18.58 -18.98
CA GLN B 8 5.07 -17.47 -18.05
C GLN B 8 6.52 -17.43 -17.61
N GLY B 9 7.36 -16.86 -18.48
CA GLY B 9 8.75 -16.62 -18.15
C GLY B 9 8.92 -15.80 -16.89
N SER B 10 7.85 -15.13 -16.44
CA SER B 10 7.87 -14.45 -15.15
C SER B 10 8.36 -15.36 -14.04
N ILE B 11 8.04 -16.65 -14.10
CA ILE B 11 8.56 -17.61 -13.13
C ILE B 11 10.08 -17.53 -13.08
N LEU B 12 10.71 -17.57 -14.25
CA LEU B 12 12.17 -17.56 -14.31
C LEU B 12 12.73 -16.22 -13.86
N LYS B 13 12.05 -15.12 -14.17
CA LYS B 13 12.52 -13.80 -13.75
C LYS B 13 12.52 -13.69 -12.23
N LYS B 14 11.42 -14.09 -11.58
CA LYS B 14 11.34 -13.98 -10.13
C LYS B 14 12.30 -14.95 -9.45
N VAL B 15 12.49 -16.14 -10.02
CA VAL B 15 13.38 -17.13 -9.39
C VAL B 15 14.83 -16.65 -9.43
N LEU B 16 15.32 -16.27 -10.61
CA LEU B 16 16.66 -15.71 -10.69
C LEU B 16 16.81 -14.49 -9.81
N GLU B 17 15.78 -13.64 -9.77
CA GLU B 17 15.83 -12.49 -8.87
C GLU B 17 15.92 -12.91 -7.41
N ALA B 18 15.30 -14.04 -7.06
CA ALA B 18 15.26 -14.48 -5.67
C ALA B 18 16.66 -14.80 -5.15
N LEU B 19 17.34 -15.73 -5.82
CA LEU B 19 18.63 -16.22 -5.36
C LEU B 19 19.79 -15.31 -5.75
N LYS B 20 19.53 -14.24 -6.52
CA LYS B 20 20.63 -13.45 -7.07
C LYS B 20 21.52 -12.88 -5.96
N ASP B 21 20.92 -12.41 -4.88
CA ASP B 21 21.68 -11.74 -3.83
C ASP B 21 22.40 -12.72 -2.92
N LEU B 22 21.96 -13.98 -2.89
CA LEU B 22 22.50 -14.96 -1.96
C LEU B 22 23.72 -15.69 -2.53
N ILE B 23 23.59 -16.24 -3.73
CA ILE B 23 24.67 -16.91 -4.42
C ILE B 23 24.88 -16.24 -5.75
N ASN B 24 26.08 -16.44 -6.31
CA ASN B 24 26.41 -15.91 -7.63
C ASN B 24 26.50 -16.99 -8.70
N GLU B 25 26.58 -18.26 -8.30
CA GLU B 25 26.81 -19.35 -9.24
C GLU B 25 26.34 -20.64 -8.58
N ALA B 26 26.09 -21.65 -9.42
CA ALA B 26 25.60 -22.93 -8.89
C ALA B 26 25.64 -23.97 -9.99
N CYS B 27 25.82 -25.22 -9.57
CA CYS B 27 25.68 -26.35 -10.48
C CYS B 27 24.19 -26.68 -10.61
N TRP B 28 23.69 -26.66 -11.83
CA TRP B 28 22.29 -26.95 -12.09
C TRP B 28 22.20 -28.42 -12.53
N ASP B 29 21.48 -29.23 -11.78
CA ASP B 29 21.29 -30.62 -12.17
C ASP B 29 20.16 -30.70 -13.20
N ILE B 30 20.45 -30.12 -14.38
CA ILE B 30 19.60 -30.24 -15.54
C ILE B 30 19.40 -31.72 -15.84
N SER B 31 18.26 -32.27 -15.43
CA SER B 31 17.98 -33.69 -15.64
C SER B 31 16.64 -33.82 -16.35
N SER B 32 16.40 -35.03 -16.87
CA SER B 32 15.12 -35.31 -17.50
C SER B 32 13.98 -35.23 -16.49
N SER B 33 14.27 -35.49 -15.21
CA SER B 33 13.26 -35.31 -14.17
C SER B 33 12.90 -33.84 -14.01
N GLY B 34 13.90 -32.97 -13.94
CA GLY B 34 13.65 -31.55 -13.81
C GLY B 34 14.94 -30.79 -13.61
N VAL B 35 14.80 -29.58 -13.08
CA VAL B 35 15.92 -28.72 -12.78
C VAL B 35 16.06 -28.66 -11.26
N ASN B 36 17.13 -29.26 -10.74
CA ASN B 36 17.45 -29.19 -9.33
C ASN B 36 18.76 -28.44 -9.16
N LEU B 37 18.79 -27.53 -8.20
CA LEU B 37 19.96 -26.70 -7.93
C LEU B 37 20.25 -26.77 -6.45
N GLN B 38 21.53 -26.94 -6.11
CA GLN B 38 21.97 -26.89 -4.73
C GLN B 38 23.24 -26.06 -4.66
N SER B 39 23.24 -25.06 -3.78
CA SER B 39 24.32 -24.07 -3.76
C SER B 39 24.38 -23.44 -2.38
N MET B 40 25.49 -22.75 -2.12
CA MET B 40 25.78 -22.16 -0.82
C MET B 40 26.53 -20.86 -1.02
N ASP B 41 26.29 -19.89 -0.13
CA ASP B 41 26.91 -18.58 -0.26
C ASP B 41 28.42 -18.67 -0.02
N SER B 42 29.10 -17.53 -0.14
CA SER B 42 30.54 -17.50 0.04
C SER B 42 30.94 -17.63 1.51
N SER B 43 30.04 -17.29 2.44
CA SER B 43 30.31 -17.45 3.87
C SER B 43 29.91 -18.81 4.40
N HIS B 44 29.31 -19.66 3.57
CA HIS B 44 29.06 -21.06 3.89
C HIS B 44 28.16 -21.22 5.12
N VAL B 45 27.19 -20.32 5.29
CA VAL B 45 26.28 -20.38 6.42
C VAL B 45 24.83 -20.56 5.98
N SER B 46 24.60 -20.84 4.69
CA SER B 46 23.25 -20.96 4.18
C SER B 46 23.26 -21.83 2.94
N LEU B 47 22.12 -22.49 2.67
CA LEU B 47 21.97 -23.34 1.51
C LEU B 47 20.64 -23.08 0.84
N VAL B 48 20.64 -23.09 -0.50
CA VAL B 48 19.44 -22.88 -1.30
C VAL B 48 19.25 -24.07 -2.22
N GLN B 49 18.05 -24.67 -2.16
CA GLN B 49 17.66 -25.75 -3.06
C GLN B 49 16.47 -25.28 -3.90
N LEU B 50 16.61 -25.38 -5.22
CA LEU B 50 15.54 -25.03 -6.14
C LEU B 50 15.11 -26.29 -6.88
N THR B 51 13.81 -26.55 -6.88
CA THR B 51 13.23 -27.68 -7.60
C THR B 51 12.28 -27.15 -8.65
N LEU B 52 12.51 -27.51 -9.91
CA LEU B 52 11.68 -27.12 -11.04
C LEU B 52 11.35 -28.38 -11.82
N ARG B 53 10.17 -28.95 -11.57
CA ARG B 53 9.76 -30.17 -12.27
C ARG B 53 9.53 -29.89 -13.75
N SER B 54 9.89 -30.87 -14.58
CA SER B 54 9.72 -30.75 -16.02
C SER B 54 8.26 -30.65 -16.43
N GLU B 55 7.33 -31.08 -15.55
CA GLU B 55 5.91 -31.01 -15.88
C GLU B 55 5.46 -29.57 -16.11
N GLY B 56 5.95 -28.65 -15.28
CA GLY B 56 5.52 -27.27 -15.39
C GLY B 56 5.90 -26.63 -16.72
N PHE B 57 7.07 -26.98 -17.24
CA PHE B 57 7.47 -26.49 -18.55
C PHE B 57 6.57 -27.07 -19.62
N ASP B 58 6.07 -26.20 -20.51
CA ASP B 58 5.13 -26.63 -21.54
C ASP B 58 5.78 -27.60 -22.52
N THR B 59 7.03 -27.33 -22.90
CA THR B 59 7.83 -28.28 -23.65
C THR B 59 9.13 -28.50 -22.88
N TYR B 60 9.45 -29.76 -22.60
CA TYR B 60 10.67 -30.10 -21.89
C TYR B 60 11.38 -31.22 -22.64
N ARG B 61 12.64 -30.99 -22.99
CA ARG B 61 13.45 -31.95 -23.72
C ARG B 61 14.86 -31.90 -23.17
N CYS B 62 15.38 -33.06 -22.74
CA CYS B 62 16.70 -33.16 -22.15
C CYS B 62 17.33 -34.50 -22.52
N ASP B 63 17.65 -34.66 -23.81
CA ASP B 63 18.48 -35.78 -24.24
C ASP B 63 19.87 -35.56 -23.66
N ARG B 64 20.26 -36.45 -22.73
CA ARG B 64 21.52 -36.43 -21.98
C ARG B 64 21.44 -35.51 -20.77
N ASN B 65 21.58 -36.08 -19.57
CA ASN B 65 21.67 -35.26 -18.36
C ASN B 65 22.87 -34.33 -18.43
N LEU B 66 22.85 -33.29 -17.61
CA LEU B 66 23.85 -32.25 -17.73
C LEU B 66 23.88 -31.42 -16.46
N ALA B 67 25.08 -31.12 -16.00
CA ALA B 67 25.31 -30.25 -14.84
C ALA B 67 25.89 -28.95 -15.37
N MET B 68 25.10 -27.88 -15.30
CA MET B 68 25.49 -26.60 -15.86
C MET B 68 26.17 -25.73 -14.80
N GLY B 69 27.27 -25.11 -15.21
CA GLY B 69 27.87 -24.04 -14.42
C GLY B 69 27.29 -22.71 -14.84
N VAL B 70 26.33 -22.22 -14.07
CA VAL B 70 25.61 -20.99 -14.40
C VAL B 70 26.12 -19.88 -13.52
N ASN B 71 26.48 -18.76 -14.14
CA ASN B 71 26.75 -17.51 -13.42
C ASN B 71 25.41 -16.81 -13.26
N LEU B 72 24.79 -16.95 -12.09
CA LEU B 72 23.46 -16.40 -11.89
C LEU B 72 23.47 -14.89 -11.81
N THR B 73 24.65 -14.27 -11.67
CA THR B 73 24.75 -12.82 -11.81
C THR B 73 24.45 -12.40 -13.24
N SER B 74 25.04 -13.08 -14.22
CA SER B 74 24.78 -12.77 -15.62
C SER B 74 23.38 -13.18 -16.03
N MET B 75 22.91 -14.34 -15.57
CA MET B 75 21.60 -14.84 -15.98
C MET B 75 20.49 -13.90 -15.54
N SER B 76 20.50 -13.49 -14.27
CA SER B 76 19.44 -12.61 -13.78
C SER B 76 19.44 -11.27 -14.52
N LYS B 77 20.63 -10.71 -14.78
CA LYS B 77 20.71 -9.51 -15.59
C LYS B 77 20.13 -9.73 -16.99
N ILE B 78 20.36 -10.93 -17.56
CA ILE B 78 19.77 -11.23 -18.86
C ILE B 78 18.26 -11.29 -18.77
N LEU B 79 17.74 -12.06 -17.80
CA LEU B 79 16.29 -12.23 -17.70
C LEU B 79 15.56 -10.94 -17.37
N LYS B 80 16.27 -9.93 -16.88
CA LYS B 80 15.61 -8.65 -16.61
C LYS B 80 15.12 -8.01 -17.90
N CYS B 81 15.75 -8.30 -19.03
CA CYS B 81 15.38 -7.69 -20.30
C CYS B 81 14.19 -8.41 -20.94
N ALA B 82 13.20 -8.73 -20.13
CA ALA B 82 12.04 -9.45 -20.61
C ALA B 82 10.79 -8.92 -19.91
N ASN B 84 7.67 -9.16 -18.63
CA ASN B 84 7.15 -9.94 -17.52
C ASN B 84 6.18 -11.00 -18.01
N GLU B 85 5.68 -10.82 -19.23
CA GLU B 85 4.79 -11.77 -19.87
C GLU B 85 5.46 -12.53 -21.00
N ASP B 86 6.67 -12.15 -21.38
CA ASP B 86 7.38 -12.79 -22.47
C ASP B 86 7.48 -14.29 -22.24
N ILE B 87 7.39 -15.06 -23.31
CA ILE B 87 7.53 -16.51 -23.25
C ILE B 87 9.02 -16.83 -23.34
N ILE B 88 9.60 -17.30 -22.22
CA ILE B 88 11.01 -17.57 -22.13
C ILE B 88 11.24 -19.06 -22.40
N THR B 89 12.09 -19.35 -23.37
CA THR B 89 12.55 -20.70 -23.65
C THR B 89 14.04 -20.80 -23.40
N LEU B 90 14.47 -21.85 -22.72
CA LEU B 90 15.87 -22.05 -22.37
C LEU B 90 16.42 -23.19 -23.22
N ARG B 91 17.38 -22.89 -24.09
CA ARG B 91 17.98 -23.87 -24.98
C ARG B 91 19.48 -23.94 -24.69
N ALA B 92 19.98 -25.15 -24.46
CA ALA B 92 21.39 -25.39 -24.18
C ALA B 92 21.90 -26.42 -25.19
N GLU B 93 22.60 -25.95 -26.21
CA GLU B 93 23.10 -26.85 -27.24
C GLU B 93 24.10 -27.83 -26.65
N ASP B 94 24.10 -29.04 -27.21
CA ASP B 94 24.90 -30.12 -26.67
C ASP B 94 26.39 -29.80 -26.79
N ASN B 95 27.07 -29.73 -25.65
CA ASN B 95 28.51 -29.43 -25.58
C ASN B 95 28.83 -28.07 -26.20
N ALA B 96 28.06 -27.06 -25.82
CA ALA B 96 28.39 -25.68 -26.09
C ALA B 96 28.56 -24.97 -24.76
N ASP B 97 29.54 -24.07 -24.68
CA ASP B 97 29.71 -23.28 -23.46
C ASP B 97 28.62 -22.25 -23.29
N THR B 98 27.60 -22.28 -24.14
CA THR B 98 26.58 -21.25 -24.19
C THR B 98 25.24 -21.81 -23.76
N LEU B 99 24.58 -21.11 -22.84
CA LEU B 99 23.18 -21.33 -22.52
C LEU B 99 22.37 -20.25 -23.23
N ALA B 100 21.47 -20.67 -24.10
CA ALA B 100 20.65 -19.73 -24.87
C ALA B 100 19.34 -19.49 -24.14
N LEU B 101 18.93 -18.22 -24.11
CA LEU B 101 17.65 -17.82 -23.52
C LEU B 101 16.90 -17.01 -24.57
N VAL B 102 15.73 -17.50 -24.97
CA VAL B 102 14.94 -16.90 -26.04
C VAL B 102 13.66 -16.35 -25.43
N PHE B 103 13.42 -15.06 -25.66
CA PHE B 103 12.27 -14.34 -25.11
C PHE B 103 11.30 -14.03 -26.24
N GLU B 104 10.13 -14.67 -26.21
CA GLU B 104 9.10 -14.45 -27.22
C GLU B 104 7.90 -13.77 -26.58
N ALA B 105 7.51 -12.62 -27.15
CA ALA B 105 6.38 -11.86 -26.65
C ALA B 105 5.08 -12.60 -26.92
N PRO B 106 3.96 -12.18 -26.29
CA PRO B 106 2.65 -12.73 -26.66
C PRO B 106 2.38 -12.58 -28.15
N ASN B 107 2.29 -11.34 -28.62
CA ASN B 107 2.32 -11.07 -30.05
C ASN B 107 3.70 -11.45 -30.60
N GLN B 108 3.71 -12.23 -31.68
CA GLN B 108 4.97 -12.71 -32.24
C GLN B 108 5.71 -11.57 -32.94
N GLU B 109 5.54 -10.34 -32.44
CA GLU B 109 6.16 -9.17 -33.06
C GLU B 109 7.64 -9.09 -32.69
N LYS B 110 7.94 -9.03 -31.40
CA LYS B 110 9.30 -8.84 -30.90
C LYS B 110 9.81 -10.14 -30.31
N VAL B 111 10.88 -10.67 -30.89
CA VAL B 111 11.58 -11.85 -30.36
C VAL B 111 13.03 -11.48 -30.09
N SER B 112 13.50 -11.81 -28.90
CA SER B 112 14.87 -11.49 -28.49
C SER B 112 15.58 -12.77 -28.08
N ASP B 113 16.79 -12.95 -28.60
CA ASP B 113 17.61 -14.12 -28.30
C ASP B 113 18.89 -13.67 -27.60
N TYR B 114 19.27 -14.42 -26.56
CA TYR B 114 20.44 -14.08 -25.76
C TYR B 114 21.28 -15.33 -25.53
N GLU B 115 22.60 -15.12 -25.40
CA GLU B 115 23.55 -16.18 -25.10
C GLU B 115 24.36 -15.82 -23.87
N MET B 116 24.58 -16.82 -23.02
CA MET B 116 25.38 -16.67 -21.82
C MET B 116 26.56 -17.63 -21.88
N LYS B 117 27.63 -17.30 -21.18
CA LYS B 117 28.83 -18.13 -21.17
C LYS B 117 28.82 -18.98 -19.91
N LEU B 118 28.45 -20.25 -20.05
CA LEU B 118 28.48 -21.18 -18.93
C LEU B 118 29.90 -21.35 -18.41
N MET B 119 30.01 -21.82 -17.18
CA MET B 119 31.28 -21.97 -16.48
C MET B 119 31.45 -23.41 -16.04
N ASP B 120 32.59 -23.68 -15.40
CA ASP B 120 32.88 -25.01 -14.86
C ASP B 120 32.61 -24.97 -13.36
N LEU B 121 31.38 -25.36 -12.99
CA LEU B 121 30.98 -25.50 -11.59
C LEU B 121 30.15 -26.78 -11.54
N ASP B 122 30.82 -27.88 -11.25
CA ASP B 122 30.17 -29.18 -11.08
C ASP B 122 30.58 -29.71 -9.71
N VAL B 123 29.73 -29.48 -8.72
CA VAL B 123 29.88 -30.07 -7.40
C VAL B 123 28.74 -31.06 -7.22
N GLU B 124 29.07 -32.31 -6.87
CA GLU B 124 28.07 -33.35 -6.73
C GLU B 124 27.19 -33.03 -5.53
N GLN B 125 25.97 -32.58 -5.80
CA GLN B 125 25.06 -32.17 -4.74
C GLN B 125 24.66 -33.36 -3.87
N LEU B 126 24.85 -33.22 -2.57
CA LEU B 126 24.34 -34.22 -1.64
C LEU B 126 22.86 -33.97 -1.40
N GLY B 127 22.22 -34.87 -0.65
CA GLY B 127 20.79 -34.77 -0.45
C GLY B 127 20.38 -34.72 1.01
N ILE B 128 19.53 -33.77 1.37
CA ILE B 128 19.07 -33.66 2.75
C ILE B 128 18.02 -34.72 3.01
N PRO B 129 17.72 -35.05 4.26
CA PRO B 129 16.63 -35.97 4.54
C PRO B 129 15.30 -35.26 4.79
N GLU B 130 14.22 -35.98 4.52
CA GLU B 130 12.90 -35.56 4.98
C GLU B 130 12.90 -35.57 6.50
N GLN B 131 13.15 -34.43 7.11
CA GLN B 131 13.35 -34.36 8.55
C GLN B 131 12.07 -33.91 9.24
N GLU B 132 11.99 -34.20 10.53
CA GLU B 132 10.83 -33.83 11.35
C GLU B 132 11.21 -32.65 12.23
N TYR B 133 10.52 -31.53 12.04
CA TYR B 133 10.87 -30.27 12.69
C TYR B 133 9.97 -30.06 13.89
N SER B 134 10.51 -29.35 14.89
CA SER B 134 9.82 -29.26 16.18
C SER B 134 8.61 -28.31 16.11
N CYS B 135 8.81 -27.11 15.56
CA CYS B 135 7.70 -26.18 15.38
C CYS B 135 7.82 -25.53 14.01
N VAL B 136 6.74 -25.58 13.23
CA VAL B 136 6.71 -25.07 11.87
C VAL B 136 5.54 -24.11 11.73
N VAL B 137 5.72 -23.06 10.91
CA VAL B 137 4.80 -21.94 10.85
C VAL B 137 4.54 -21.60 9.38
N LYS B 138 3.27 -21.46 9.02
CA LYS B 138 2.88 -20.95 7.71
C LYS B 138 2.24 -19.58 7.93
N MET B 139 2.78 -18.55 7.27
CA MET B 139 2.29 -17.19 7.41
C MET B 139 2.33 -16.52 6.04
N PRO B 140 1.64 -15.39 5.89
CA PRO B 140 1.76 -14.63 4.64
C PRO B 140 3.21 -14.22 4.38
N SER B 141 3.64 -14.39 3.13
CA SER B 141 5.01 -14.05 2.76
C SER B 141 5.30 -12.58 3.03
N GLY B 142 4.30 -11.72 2.83
CA GLY B 142 4.45 -10.29 3.09
C GLY B 142 4.77 -9.98 4.54
N GLU B 143 3.96 -10.53 5.46
CA GLU B 143 4.21 -10.31 6.88
C GLU B 143 5.59 -10.81 7.28
N PHE B 144 6.01 -11.97 6.77
CA PHE B 144 7.35 -12.45 7.08
C PHE B 144 8.41 -11.52 6.54
N ALA B 145 8.15 -10.91 5.38
CA ALA B 145 9.06 -9.91 4.84
C ALA B 145 9.11 -8.67 5.73
N ARG B 146 7.93 -8.16 6.11
CA ARG B 146 7.88 -7.00 6.98
C ARG B 146 8.56 -7.29 8.32
N ILE B 147 8.22 -8.42 8.95
CA ILE B 147 8.81 -8.76 10.24
C ILE B 147 10.33 -8.82 10.14
N CYS B 148 10.83 -9.43 9.06
CA CYS B 148 12.27 -9.49 8.86
C CYS B 148 12.85 -8.11 8.56
N ARG B 149 12.13 -7.30 7.78
CA ARG B 149 12.63 -5.98 7.40
C ARG B 149 12.57 -5.02 8.58
N ASP B 150 11.40 -4.88 9.19
CA ASP B 150 11.23 -3.90 10.27
C ASP B 150 12.17 -4.20 11.43
N LEU B 151 12.27 -5.47 11.84
CA LEU B 151 13.16 -5.84 12.93
C LEU B 151 14.63 -5.72 12.56
N SER B 152 14.97 -5.51 11.28
CA SER B 152 16.34 -5.36 10.85
C SER B 152 16.90 -3.96 11.07
N HIS B 153 16.05 -2.93 11.13
CA HIS B 153 16.52 -1.62 11.54
C HIS B 153 16.90 -1.55 13.01
N ILE B 154 16.54 -2.57 13.80
CA ILE B 154 16.79 -2.57 15.23
C ILE B 154 18.02 -3.42 15.53
N GLY B 155 17.98 -4.70 15.13
CA GLY B 155 19.05 -5.62 15.45
C GLY B 155 19.54 -6.35 14.21
N ASP B 156 20.72 -6.97 14.36
CA ASP B 156 21.29 -7.76 13.28
C ASP B 156 20.77 -9.19 13.26
N ALA B 157 20.04 -9.61 14.29
CA ALA B 157 19.53 -10.96 14.38
C ALA B 157 18.14 -10.94 15.00
N VAL B 158 17.34 -11.94 14.67
CA VAL B 158 15.99 -12.09 15.20
C VAL B 158 15.96 -13.35 16.07
N VAL B 159 15.08 -13.34 17.07
CA VAL B 159 14.88 -14.45 17.99
C VAL B 159 13.47 -14.97 17.77
N ILE B 160 13.36 -16.19 17.26
CA ILE B 160 12.07 -16.79 16.92
C ILE B 160 11.70 -17.81 17.98
N SER B 161 10.44 -17.79 18.40
CA SER B 161 9.97 -18.64 19.50
C SER B 161 8.53 -19.05 19.22
N CYS B 162 8.18 -20.27 19.61
CA CYS B 162 6.82 -20.77 19.42
C CYS B 162 6.09 -20.93 20.76
N VAL B 167 3.54 -17.46 18.07
CA VAL B 167 4.93 -17.28 17.63
C VAL B 167 5.37 -15.85 17.88
N LYS B 168 6.61 -15.67 18.32
CA LYS B 168 7.16 -14.36 18.65
C LYS B 168 8.47 -14.15 17.91
N PHE B 169 8.61 -13.00 17.27
CA PHE B 169 9.85 -12.57 16.64
C PHE B 169 10.42 -11.42 17.45
N SER B 170 11.57 -11.62 18.08
CA SER B 170 12.18 -10.63 18.94
C SER B 170 13.59 -10.30 18.42
N ALA B 171 13.88 -9.01 18.33
CA ALA B 171 15.21 -8.52 17.96
C ALA B 171 15.55 -7.35 18.86
N SER B 172 16.82 -7.27 19.24
CA SER B 172 17.28 -6.24 20.16
C SER B 172 18.47 -5.51 19.56
N GLY B 173 18.64 -4.26 19.98
CA GLY B 173 19.74 -3.47 19.48
C GLY B 173 20.03 -2.28 20.36
N GLU B 174 20.89 -1.40 19.85
CA GLU B 174 21.26 -0.18 20.58
C GLU B 174 20.09 0.79 20.64
N LEU B 175 19.31 0.89 19.56
CA LEU B 175 18.14 1.76 19.55
C LEU B 175 17.16 1.37 20.64
N GLY B 176 17.01 0.08 20.88
CA GLY B 176 16.04 -0.43 21.83
C GLY B 176 15.76 -1.89 21.55
N ASN B 177 14.63 -2.36 22.04
CA ASN B 177 14.22 -3.74 21.81
C ASN B 177 12.80 -3.76 21.27
N GLY B 178 12.50 -4.82 20.53
CA GLY B 178 11.19 -4.95 19.91
C GLY B 178 10.76 -6.39 19.76
N ASN B 179 9.54 -6.70 20.19
CA ASN B 179 8.97 -8.03 20.09
C ASN B 179 7.72 -7.99 19.23
N ILE B 180 7.70 -8.80 18.18
CA ILE B 180 6.56 -8.91 17.28
C ILE B 180 5.97 -10.31 17.43
N LYS B 181 4.68 -10.38 17.78
CA LYS B 181 3.99 -11.65 17.96
C LYS B 181 2.76 -11.70 17.07
N LEU B 182 2.63 -12.76 16.28
CA LEU B 182 1.45 -13.03 15.47
C LEU B 182 0.79 -14.30 15.99
N SER B 183 -0.41 -14.16 16.55
CA SER B 183 -1.16 -15.32 16.98
C SER B 183 -1.82 -15.99 15.78
N GLN B 184 -2.34 -17.20 16.02
CA GLN B 184 -2.96 -18.00 14.98
C GLN B 184 -4.24 -17.34 14.46
N THR B 185 -4.59 -17.66 13.22
CA THR B 185 -5.82 -17.16 12.61
C THR B 185 -6.28 -18.06 11.47
N ALA B 194 -3.75 -15.55 7.07
CA ALA B 194 -3.78 -16.98 7.35
C ALA B 194 -2.49 -17.44 8.01
N VAL B 195 -2.55 -17.71 9.32
CA VAL B 195 -1.38 -18.09 10.11
C VAL B 195 -1.67 -19.38 10.85
N THR B 196 -0.72 -20.32 10.81
CA THR B 196 -0.93 -21.64 11.40
C THR B 196 0.38 -22.13 12.00
N ILE B 197 0.38 -22.37 13.32
CA ILE B 197 1.55 -22.83 14.05
C ILE B 197 1.31 -24.25 14.52
N GLU B 198 2.32 -25.11 14.39
CA GLU B 198 2.31 -26.44 14.97
C GLU B 198 3.63 -26.61 15.72
N MET B 199 3.57 -26.67 17.05
CA MET B 199 4.76 -26.74 17.89
C MET B 199 4.72 -28.03 18.69
N ASN B 200 5.22 -29.11 18.08
CA ASN B 200 5.36 -30.39 18.78
C ASN B 200 6.20 -30.21 20.04
N GLU B 201 7.45 -29.81 19.87
CA GLU B 201 8.31 -29.40 20.96
C GLU B 201 8.68 -27.94 20.77
N PRO B 202 8.41 -27.08 21.75
CA PRO B 202 8.70 -25.65 21.57
C PRO B 202 10.19 -25.40 21.51
N VAL B 203 10.61 -24.58 20.55
CA VAL B 203 12.01 -24.28 20.33
C VAL B 203 12.23 -22.78 20.24
N GLN B 204 13.37 -22.34 20.75
CA GLN B 204 13.82 -20.95 20.66
C GLN B 204 15.18 -20.96 19.97
N LEU B 205 15.20 -20.47 18.72
CA LEU B 205 16.44 -20.32 17.97
C LEU B 205 16.53 -18.91 17.42
N THR B 206 17.75 -18.37 17.39
CA THR B 206 17.99 -17.01 16.93
C THR B 206 18.81 -17.07 15.64
N PHE B 207 18.38 -16.30 14.64
CA PHE B 207 18.99 -16.33 13.31
C PHE B 207 19.41 -14.93 12.90
N ALA B 208 20.52 -14.85 12.16
CA ALA B 208 21.00 -13.56 11.69
C ALA B 208 20.04 -12.99 10.66
N LEU B 209 19.60 -11.75 10.89
CA LEU B 209 18.58 -11.15 10.04
C LEU B 209 19.09 -10.86 8.63
N ARG B 210 20.40 -10.71 8.44
CA ARG B 210 20.92 -10.35 7.12
C ARG B 210 20.54 -11.40 6.09
N TYR B 211 20.72 -12.69 6.42
CA TYR B 211 20.45 -13.74 5.45
C TYR B 211 18.95 -13.99 5.29
N LEU B 212 18.17 -13.74 6.34
CA LEU B 212 16.72 -13.84 6.20
C LEU B 212 16.19 -12.85 5.17
N ASN B 213 16.76 -11.64 5.16
CA ASN B 213 16.38 -10.66 4.15
C ASN B 213 16.98 -10.97 2.79
N PHE B 214 17.88 -11.95 2.69
CA PHE B 214 18.23 -12.50 1.40
C PHE B 214 17.16 -13.45 0.90
N PHE B 215 16.57 -14.22 1.82
CA PHE B 215 15.48 -15.13 1.43
C PHE B 215 14.20 -14.38 1.08
N THR B 216 13.97 -13.22 1.70
CA THR B 216 12.73 -12.50 1.45
C THR B 216 12.64 -11.95 0.04
N LYS B 217 13.70 -12.10 -0.77
CA LYS B 217 13.65 -11.70 -2.17
C LYS B 217 12.84 -12.68 -3.00
N ALA B 218 12.56 -13.86 -2.48
CA ALA B 218 11.72 -14.85 -3.15
C ALA B 218 10.24 -14.71 -2.83
N THR B 219 9.85 -13.72 -2.03
CA THR B 219 8.44 -13.55 -1.69
C THR B 219 7.51 -13.36 -2.90
N PRO B 220 7.93 -12.80 -4.04
CA PRO B 220 7.01 -12.78 -5.19
C PRO B 220 6.70 -14.14 -5.79
N LEU B 221 7.29 -15.23 -5.28
CA LEU B 221 7.01 -16.54 -5.87
C LEU B 221 5.73 -17.14 -5.29
N SER B 222 5.55 -17.05 -3.98
CA SER B 222 4.41 -17.65 -3.32
C SER B 222 3.82 -16.65 -2.33
N SER B 223 2.52 -16.78 -2.07
CA SER B 223 1.86 -15.93 -1.10
C SER B 223 2.11 -16.36 0.34
N THR B 224 2.42 -17.63 0.57
CA THR B 224 2.62 -18.16 1.90
C THR B 224 4.02 -18.74 2.01
N VAL B 225 4.72 -18.39 3.09
CA VAL B 225 6.05 -18.91 3.38
C VAL B 225 5.93 -19.82 4.60
N THR B 226 6.70 -20.91 4.60
CA THR B 226 6.66 -21.90 5.67
C THR B 226 8.04 -22.02 6.30
N LEU B 227 8.10 -21.85 7.62
CA LEU B 227 9.36 -21.79 8.38
C LEU B 227 9.46 -23.03 9.26
N SER B 228 10.40 -23.92 8.95
CA SER B 228 10.58 -25.15 9.71
C SER B 228 11.79 -25.01 10.62
N MET B 229 11.57 -25.07 11.94
CA MET B 229 12.62 -24.92 12.92
C MET B 229 12.71 -26.14 13.83
N SER B 230 13.94 -26.51 14.16
CA SER B 230 14.23 -27.54 15.15
C SER B 230 15.67 -27.38 15.60
N ALA B 231 15.96 -27.79 16.83
CA ALA B 231 17.27 -27.54 17.41
C ALA B 231 18.38 -28.31 16.69
N ASP B 232 18.07 -29.48 16.13
CA ASP B 232 19.09 -30.35 15.57
C ASP B 232 19.26 -30.18 14.06
N VAL B 233 18.54 -29.24 13.45
CA VAL B 233 18.63 -28.99 12.01
C VAL B 233 18.55 -27.49 11.77
N PRO B 234 19.01 -27.03 10.61
CA PRO B 234 18.90 -25.61 10.28
C PRO B 234 17.45 -25.20 10.01
N LEU B 235 17.23 -23.90 10.10
CA LEU B 235 15.94 -23.34 9.69
C LEU B 235 15.72 -23.58 8.20
N VAL B 236 14.47 -23.79 7.82
CA VAL B 236 14.10 -24.07 6.44
C VAL B 236 12.96 -23.13 6.06
N VAL B 237 13.29 -22.03 5.41
CA VAL B 237 12.28 -21.15 4.82
C VAL B 237 11.92 -21.72 3.45
N GLU B 238 10.63 -22.02 3.25
CA GLU B 238 10.17 -22.67 2.03
C GLU B 238 9.20 -21.76 1.27
N TYR B 239 9.60 -21.36 0.07
CA TYR B 239 8.72 -20.69 -0.88
C TYR B 239 8.40 -21.68 -1.99
N LYS B 240 7.12 -21.89 -2.26
CA LYS B 240 6.69 -22.88 -3.24
C LYS B 240 6.42 -22.20 -4.58
N ILE B 241 6.90 -22.82 -5.66
CA ILE B 241 6.66 -22.34 -7.01
C ILE B 241 5.51 -23.16 -7.58
N ALA B 242 4.45 -22.49 -8.01
CA ALA B 242 3.21 -23.15 -8.40
C ALA B 242 3.45 -24.18 -9.50
N ASP B 243 3.05 -25.42 -9.24
CA ASP B 243 3.25 -26.58 -10.13
C ASP B 243 4.72 -26.95 -10.28
N MET B 244 5.55 -25.99 -10.69
CA MET B 244 6.95 -26.26 -10.99
C MET B 244 7.65 -26.96 -9.83
N GLY B 245 7.48 -26.45 -8.62
CA GLY B 245 8.11 -27.08 -7.47
C GLY B 245 8.19 -26.22 -6.23
N HIS B 246 9.41 -26.07 -5.70
CA HIS B 246 9.61 -25.36 -4.45
C HIS B 246 10.99 -24.71 -4.43
N LEU B 247 11.16 -23.79 -3.48
CA LEU B 247 12.43 -23.09 -3.27
C LEU B 247 12.70 -23.10 -1.77
N LYS B 248 13.70 -23.88 -1.35
CA LYS B 248 13.97 -24.10 0.06
C LYS B 248 15.24 -23.36 0.46
N TYR B 249 15.12 -22.49 1.46
CA TYR B 249 16.25 -21.76 2.02
C TYR B 249 16.62 -22.35 3.38
N TYR B 250 17.91 -22.59 3.59
CA TYR B 250 18.40 -23.18 4.84
C TYR B 250 19.34 -22.19 5.50
N LEU B 251 19.16 -21.99 6.81
CA LEU B 251 19.98 -21.06 7.57
C LEU B 251 20.29 -21.63 8.94
N ALA B 252 21.50 -21.36 9.42
CA ALA B 252 22.04 -21.87 10.67
C ALA B 252 22.00 -20.81 11.76
N PRO B 253 21.63 -21.21 12.98
CA PRO B 253 21.59 -20.33 14.16
C PRO B 253 22.92 -19.63 14.44
N PHE C 2 2.06 6.63 33.08
CA PHE C 2 1.60 7.31 31.87
C PHE C 2 1.28 6.35 30.73
N GLU C 3 0.03 6.35 30.29
CA GLU C 3 -0.38 5.57 29.13
C GLU C 3 -1.32 6.42 28.28
N ALA C 4 -1.02 6.52 26.99
CA ALA C 4 -1.82 7.32 26.06
C ALA C 4 -2.04 6.53 24.79
N ARG C 5 -3.29 6.14 24.53
CA ARG C 5 -3.64 5.35 23.36
C ARG C 5 -4.25 6.26 22.30
N LEU C 6 -3.62 6.32 21.14
CA LEU C 6 -4.11 7.05 19.98
C LEU C 6 -4.51 6.06 18.91
N VAL C 7 -5.79 6.05 18.54
CA VAL C 7 -6.27 5.09 17.54
C VAL C 7 -5.86 5.52 16.13
N GLN C 8 -5.89 6.82 15.84
CA GLN C 8 -5.44 7.32 14.54
C GLN C 8 -3.91 7.39 14.59
N GLY C 9 -3.29 6.22 14.58
CA GLY C 9 -1.86 6.12 14.77
C GLY C 9 -1.06 6.87 13.71
N SER C 10 -1.64 7.05 12.52
CA SER C 10 -0.93 7.76 11.46
C SER C 10 -0.52 9.15 11.88
N ILE C 11 -1.32 9.79 12.74
CA ILE C 11 -0.98 11.13 13.22
C ILE C 11 0.43 11.14 13.79
N LEU C 12 0.66 10.35 14.84
CA LEU C 12 1.98 10.30 15.47
C LEU C 12 3.07 9.93 14.46
N LYS C 13 2.72 9.11 13.45
CA LYS C 13 3.65 8.88 12.34
C LYS C 13 4.00 10.18 11.64
N LYS C 14 2.99 10.86 11.09
CA LYS C 14 3.26 12.11 10.37
C LYS C 14 3.81 13.19 11.29
N VAL C 15 3.49 13.13 12.59
CA VAL C 15 4.09 14.05 13.55
C VAL C 15 5.60 13.83 13.60
N LEU C 16 6.04 12.64 14.02
CA LEU C 16 7.47 12.41 14.17
C LEU C 16 8.23 12.67 12.88
N GLU C 17 7.60 12.45 11.73
CA GLU C 17 8.27 12.74 10.47
C GLU C 17 8.38 14.24 10.21
N ALA C 18 7.56 15.06 10.87
CA ALA C 18 7.64 16.50 10.68
C ALA C 18 8.87 17.07 11.37
N LEU C 19 9.13 16.65 12.61
CA LEU C 19 10.24 17.18 13.38
C LEU C 19 11.55 16.45 13.14
N LYS C 20 11.50 15.23 12.61
CA LYS C 20 12.68 14.39 12.44
C LYS C 20 13.82 15.16 11.77
N ASP C 21 13.51 16.00 10.80
CA ASP C 21 14.55 16.68 10.03
C ASP C 21 15.03 17.94 10.76
N LEU C 22 14.09 18.77 11.22
CA LEU C 22 14.46 20.06 11.81
C LEU C 22 15.18 19.87 13.13
N ILE C 23 14.55 19.17 14.08
CA ILE C 23 15.10 18.94 15.41
C ILE C 23 15.51 17.49 15.51
N ASN C 24 16.78 17.24 15.85
CA ASN C 24 17.22 15.88 16.08
C ASN C 24 16.92 15.40 17.49
N GLU C 25 16.91 16.31 18.47
CA GLU C 25 16.60 15.96 19.85
C GLU C 25 15.71 17.04 20.46
N ALA C 26 14.65 16.63 21.14
CA ALA C 26 13.75 17.56 21.79
C ALA C 26 13.19 16.92 23.07
N CYS C 27 12.73 17.77 23.98
CA CYS C 27 12.18 17.31 25.24
C CYS C 27 10.66 17.31 25.15
N TRP C 28 10.06 16.13 25.34
CA TRP C 28 8.61 15.97 25.39
C TRP C 28 8.16 16.14 26.83
N ASP C 29 7.61 17.31 27.16
CA ASP C 29 7.07 17.53 28.50
C ASP C 29 5.66 16.95 28.54
N ILE C 30 5.60 15.63 28.68
CA ILE C 30 4.35 14.88 28.83
C ILE C 30 3.58 15.47 30.00
N SER C 31 2.36 15.94 29.73
CA SER C 31 1.58 16.65 30.74
C SER C 31 0.15 16.12 30.74
N SER C 32 -0.54 16.40 31.85
CA SER C 32 -1.90 15.88 32.03
C SER C 32 -2.88 16.48 31.03
N SER C 33 -2.70 17.76 30.67
CA SER C 33 -3.56 18.38 29.68
C SER C 33 -3.25 17.87 28.28
N GLY C 34 -1.98 17.68 27.96
CA GLY C 34 -1.57 17.20 26.67
C GLY C 34 -0.07 17.28 26.48
N VAL C 35 0.51 16.30 25.76
CA VAL C 35 1.94 16.34 25.50
C VAL C 35 2.30 17.60 24.74
N ASN C 36 3.37 18.26 25.18
CA ASN C 36 3.88 19.47 24.56
C ASN C 36 5.37 19.33 24.33
N LEU C 37 5.84 19.81 23.19
CA LEU C 37 7.24 19.75 22.81
C LEU C 37 7.69 21.13 22.37
N GLN C 38 8.85 21.57 22.87
CA GLN C 38 9.44 22.83 22.44
C GLN C 38 10.94 22.65 22.31
N SER C 39 11.45 22.83 21.09
CA SER C 39 12.89 22.74 20.87
C SER C 39 13.26 23.59 19.68
N MET C 40 14.57 23.84 19.55
CA MET C 40 15.10 24.72 18.53
C MET C 40 16.16 23.96 17.74
N ASP C 41 16.31 24.31 16.47
CA ASP C 41 17.27 23.62 15.63
C ASP C 41 18.70 23.89 16.11
N SER C 42 19.65 23.14 15.55
CA SER C 42 21.04 23.28 15.94
C SER C 42 21.64 24.62 15.55
N SER C 43 21.02 25.35 14.63
CA SER C 43 21.47 26.67 14.23
C SER C 43 20.73 27.78 14.96
N HIS C 44 19.75 27.44 15.80
CA HIS C 44 19.00 28.39 16.62
C HIS C 44 18.43 29.55 15.80
N VAL C 45 17.84 29.23 14.66
CA VAL C 45 17.13 30.21 13.86
C VAL C 45 15.63 29.97 13.81
N SER C 46 15.16 28.86 14.39
CA SER C 46 13.76 28.50 14.32
C SER C 46 13.38 27.63 15.50
N LEU C 47 12.10 27.68 15.87
CA LEU C 47 11.54 26.89 16.95
C LEU C 47 10.28 26.19 16.47
N VAL C 48 10.10 24.95 16.91
CA VAL C 48 8.88 24.19 16.66
C VAL C 48 8.24 23.91 18.01
N GLN C 49 6.93 24.14 18.09
CA GLN C 49 6.15 23.85 19.29
C GLN C 49 5.00 22.94 18.88
N LEU C 50 4.96 21.75 19.46
CA LEU C 50 3.94 20.76 19.18
C LEU C 50 2.95 20.74 20.35
N THR C 51 1.66 20.66 20.04
CA THR C 51 0.61 20.58 21.04
C THR C 51 -0.34 19.46 20.64
N LEU C 52 -0.33 18.37 21.41
CA LEU C 52 -1.23 17.23 21.20
C LEU C 52 -2.07 17.08 22.46
N ARG C 53 -3.34 17.49 22.39
CA ARG C 53 -4.20 17.49 23.57
C ARG C 53 -4.61 16.07 23.92
N SER C 54 -4.80 15.83 25.22
CA SER C 54 -5.21 14.51 25.70
C SER C 54 -6.62 14.16 25.28
N GLU C 55 -7.36 15.10 24.69
CA GLU C 55 -8.74 14.83 24.29
C GLU C 55 -8.79 13.85 23.13
N GLY C 56 -7.81 13.92 22.22
CA GLY C 56 -7.81 13.03 21.07
C GLY C 56 -7.51 11.60 21.43
N PHE C 57 -6.62 11.38 22.40
CA PHE C 57 -6.28 10.03 22.82
C PHE C 57 -7.47 9.39 23.51
N ASP C 58 -7.77 8.15 23.15
CA ASP C 58 -8.90 7.42 23.74
C ASP C 58 -8.76 7.35 25.25
N THR C 59 -7.77 6.61 25.74
CA THR C 59 -7.40 6.66 27.14
C THR C 59 -6.10 7.43 27.26
N TYR C 60 -6.02 8.26 28.29
CA TYR C 60 -4.83 9.10 28.51
C TYR C 60 -4.72 9.31 30.01
N ARG C 61 -3.64 8.79 30.60
CA ARG C 61 -3.42 8.88 32.04
C ARG C 61 -2.00 9.39 32.26
N CYS C 62 -1.88 10.55 32.90
CA CYS C 62 -0.59 11.22 33.10
C CYS C 62 -0.54 11.66 34.57
N ASP C 63 -0.26 10.71 35.45
CA ASP C 63 -0.24 10.94 36.89
C ASP C 63 1.06 11.56 37.38
N ARG C 64 1.66 12.47 36.59
CA ARG C 64 2.93 13.09 36.94
C ARG C 64 3.25 14.18 35.92
N ASN C 65 4.26 15.00 36.24
CA ASN C 65 4.89 15.89 35.26
C ASN C 65 6.05 15.12 34.64
N LEU C 66 5.77 14.45 33.52
CA LEU C 66 6.80 13.68 32.82
C LEU C 66 7.53 14.56 31.83
N ALA C 67 8.85 14.43 31.81
CA ALA C 67 9.72 15.20 30.91
C ALA C 67 10.60 14.17 30.18
N MET C 68 10.07 13.62 29.09
CA MET C 68 10.80 12.61 28.32
C MET C 68 11.71 13.30 27.32
N GLY C 69 13.02 13.11 27.48
CA GLY C 69 13.95 13.50 26.44
C GLY C 69 14.15 12.38 25.45
N VAL C 70 13.35 12.35 24.38
CA VAL C 70 13.48 11.28 23.40
C VAL C 70 14.43 11.75 22.32
N ASN C 71 14.82 10.85 21.44
CA ASN C 71 15.59 11.20 20.25
C ASN C 71 14.64 11.05 19.06
N LEU C 72 14.22 12.18 18.50
CA LEU C 72 13.18 12.15 17.46
C LEU C 72 13.63 11.34 16.25
N THR C 73 14.91 11.37 15.91
CA THR C 73 15.42 10.52 14.85
C THR C 73 15.19 9.04 15.18
N SER C 74 15.58 8.65 16.40
CA SER C 74 15.33 7.28 16.84
C SER C 74 13.84 6.96 16.88
N MET C 75 12.99 7.95 17.14
CA MET C 75 11.56 7.68 17.24
C MET C 75 10.91 7.55 15.87
N SER C 76 11.37 8.33 14.89
CA SER C 76 10.86 8.14 13.53
C SER C 76 11.21 6.73 13.03
N LYS C 77 12.38 6.21 13.41
CA LYS C 77 12.70 4.82 13.11
C LYS C 77 11.78 3.88 13.87
N ILE C 78 11.70 4.02 15.19
CA ILE C 78 10.89 3.10 15.97
C ILE C 78 9.41 3.30 15.66
N LEU C 79 9.05 4.43 15.03
CA LEU C 79 7.73 4.56 14.44
C LEU C 79 7.66 3.98 13.03
N LYS C 80 8.62 3.16 12.64
CA LYS C 80 8.42 2.29 11.50
C LYS C 80 7.85 0.97 12.00
N CYS C 81 7.48 0.09 11.06
CA CYS C 81 6.55 -1.01 11.34
C CYS C 81 5.24 -0.47 11.89
N ALA C 82 4.92 0.77 11.53
CA ALA C 82 3.69 1.44 11.95
C ALA C 82 2.76 1.43 10.75
N GLY C 83 1.96 0.37 10.64
CA GLY C 83 0.87 0.40 9.68
C GLY C 83 -0.01 1.61 9.93
N ASN C 84 -0.42 2.27 8.85
CA ASN C 84 -1.12 3.55 9.00
C ASN C 84 -2.33 3.42 9.92
N GLU C 85 -3.00 2.28 9.87
CA GLU C 85 -4.15 2.01 10.73
C GLU C 85 -3.77 1.26 12.01
N ASP C 86 -2.49 1.07 12.27
CA ASP C 86 -2.08 0.51 13.55
C ASP C 86 -2.45 1.47 14.67
N ILE C 87 -2.78 0.91 15.83
CA ILE C 87 -3.15 1.69 17.01
C ILE C 87 -1.94 1.73 17.93
N ILE C 88 -1.47 2.93 18.26
CA ILE C 88 -0.20 3.09 18.95
C ILE C 88 -0.45 3.71 20.32
N THR C 89 0.15 3.13 21.35
CA THR C 89 0.04 3.60 22.72
C THR C 89 1.46 3.75 23.28
N LEU C 90 1.62 4.70 24.20
CA LEU C 90 2.89 4.98 24.83
C LEU C 90 2.78 4.72 26.34
N ARG C 91 3.88 4.30 26.95
CA ARG C 91 3.89 3.99 28.38
C ARG C 91 5.05 4.71 29.08
N ALA C 92 5.13 4.52 30.39
CA ALA C 92 6.15 5.13 31.23
C ALA C 92 6.50 4.24 32.42
N ASP C 97 12.57 6.37 31.99
CA ASP C 97 13.91 6.14 31.43
C ASP C 97 13.84 5.51 30.04
N THR C 98 12.78 4.75 29.78
CA THR C 98 12.53 4.11 28.50
C THR C 98 11.09 4.36 28.07
N LEU C 99 10.89 4.51 26.76
CA LEU C 99 9.57 4.76 26.19
C LEU C 99 9.11 3.53 25.43
N ALA C 100 7.95 3.01 25.78
CA ALA C 100 7.36 1.87 25.11
C ALA C 100 6.33 2.33 24.08
N LEU C 101 6.33 1.67 22.94
CA LEU C 101 5.35 1.92 21.87
C LEU C 101 4.78 0.58 21.46
N VAL C 102 3.46 0.51 21.33
CA VAL C 102 2.77 -0.74 21.02
C VAL C 102 1.81 -0.52 19.85
N PHE C 103 1.86 -1.42 18.88
CA PHE C 103 1.13 -1.29 17.61
C PHE C 103 0.23 -2.50 17.44
N GLU C 104 -1.06 -2.27 17.17
CA GLU C 104 -2.05 -3.33 17.12
C GLU C 104 -2.89 -3.23 15.84
N ALA C 105 -3.08 -4.36 15.17
CA ALA C 105 -3.93 -4.42 13.98
C ALA C 105 -5.20 -5.22 14.25
N GLU C 109 -3.63 -11.63 13.86
CA GLU C 109 -3.63 -10.38 14.62
C GLU C 109 -2.23 -10.02 15.09
N LYS C 110 -1.50 -9.28 14.24
CA LYS C 110 -0.17 -8.82 14.60
C LYS C 110 -0.25 -7.76 15.69
N VAL C 111 0.58 -7.92 16.73
CA VAL C 111 0.59 -7.02 17.87
C VAL C 111 2.02 -6.75 18.33
N SER C 112 2.77 -6.03 17.50
CA SER C 112 4.17 -5.74 17.80
C SER C 112 4.30 -4.70 18.92
N ASP C 113 5.41 -4.78 19.65
CA ASP C 113 5.65 -3.91 20.79
C ASP C 113 7.14 -3.54 20.79
N TYR C 114 7.42 -2.27 21.00
CA TYR C 114 8.78 -1.74 20.95
C TYR C 114 9.10 -0.94 22.20
N GLU C 115 10.38 -0.85 22.53
CA GLU C 115 10.85 -0.07 23.66
C GLU C 115 12.03 0.80 23.22
N MET C 116 12.04 2.06 23.66
CA MET C 116 13.02 3.04 23.23
C MET C 116 13.74 3.64 24.43
N LYS C 117 15.06 3.80 24.30
CA LYS C 117 15.85 4.47 25.32
C LYS C 117 15.69 5.97 25.20
N LEU C 118 15.63 6.65 26.33
CA LEU C 118 15.36 8.08 26.38
C LEU C 118 16.57 8.85 26.87
N MET C 119 16.89 9.94 26.16
CA MET C 119 17.94 10.85 26.59
C MET C 119 17.46 11.69 27.77
N ASP C 120 18.39 12.36 28.43
CA ASP C 120 18.12 13.18 29.61
C ASP C 120 18.41 14.63 29.27
N LEU C 121 17.36 15.42 29.06
CA LEU C 121 17.51 16.82 28.69
C LEU C 121 16.28 17.65 29.07
N VAL C 123 17.51 21.02 29.41
CA VAL C 123 16.96 22.30 28.98
C VAL C 123 15.50 22.43 29.42
N GLU C 124 14.95 23.64 29.34
CA GLU C 124 13.58 23.89 29.82
C GLU C 124 12.64 24.24 28.67
N GLN C 125 11.67 25.12 28.92
CA GLN C 125 10.70 25.50 27.91
C GLN C 125 10.32 26.97 28.05
N LEU C 126 10.45 27.71 26.96
CA LEU C 126 10.06 29.11 26.92
C LEU C 126 8.55 29.26 26.91
N GLY C 127 8.10 30.45 27.32
CA GLY C 127 6.69 30.75 27.34
C GLY C 127 6.29 31.71 26.24
N ILE C 128 6.14 31.19 25.03
CA ILE C 128 5.81 32.03 23.87
C ILE C 128 4.40 32.60 24.03
N PRO C 129 4.20 33.91 23.82
CA PRO C 129 2.86 34.47 23.96
C PRO C 129 2.18 34.70 22.62
N GLU C 130 0.86 34.78 22.63
CA GLU C 130 0.14 35.18 21.43
C GLU C 130 0.47 36.62 21.13
N GLN C 131 0.73 36.90 19.86
CA GLN C 131 1.36 38.16 19.44
C GLN C 131 0.66 38.61 18.16
N GLU C 132 0.68 39.92 17.90
CA GLU C 132 -0.18 40.51 16.89
C GLU C 132 0.50 40.45 15.52
N TYR C 133 -0.15 39.79 14.56
CA TYR C 133 0.44 39.55 13.24
C TYR C 133 -0.23 40.45 12.22
N SER C 134 0.58 41.16 11.44
CA SER C 134 0.06 42.17 10.53
C SER C 134 -0.64 41.54 9.33
N CYS C 135 0.02 40.59 8.67
CA CYS C 135 -0.55 39.91 7.51
C CYS C 135 -0.55 38.41 7.77
N VAL C 136 -1.75 37.83 7.75
CA VAL C 136 -1.92 36.39 7.95
C VAL C 136 -2.53 35.82 6.68
N VAL C 137 -1.93 34.74 6.18
CA VAL C 137 -2.32 34.12 4.91
C VAL C 137 -2.74 32.68 5.19
N LYS C 138 -3.86 32.26 4.59
CA LYS C 138 -4.33 30.88 4.67
C LYS C 138 -4.45 30.34 3.25
N MET C 139 -3.67 29.31 2.95
CA MET C 139 -3.63 28.71 1.63
C MET C 139 -3.79 27.21 1.73
N PRO C 140 -4.05 26.53 0.60
CA PRO C 140 -3.98 25.06 0.61
C PRO C 140 -2.57 24.61 0.94
N SER C 141 -2.49 23.60 1.81
CA SER C 141 -1.21 23.21 2.40
C SER C 141 -0.22 22.73 1.33
N GLY C 142 -0.66 21.80 0.47
CA GLY C 142 0.23 21.27 -0.55
C GLY C 142 0.71 22.33 -1.51
N GLU C 143 -0.14 23.31 -1.81
CA GLU C 143 0.28 24.40 -2.69
C GLU C 143 1.46 25.16 -2.12
N PHE C 144 1.51 25.29 -0.78
CA PHE C 144 2.65 25.95 -0.15
C PHE C 144 3.95 25.19 -0.41
N ALA C 145 3.89 23.86 -0.34
CA ALA C 145 5.10 23.05 -0.50
C ALA C 145 5.71 23.24 -1.88
N ARG C 146 4.89 23.18 -2.93
CA ARG C 146 5.41 23.38 -4.27
C ARG C 146 5.85 24.82 -4.50
N ILE C 147 5.23 25.78 -3.80
CA ILE C 147 5.69 27.16 -3.88
C ILE C 147 7.10 27.28 -3.34
N CYS C 148 7.35 26.65 -2.18
CA CYS C 148 8.70 26.62 -1.65
C CYS C 148 9.62 25.80 -2.54
N ARG C 149 9.14 24.65 -3.03
CA ARG C 149 10.00 23.75 -3.78
C ARG C 149 10.32 24.31 -5.17
N ASP C 150 9.30 24.77 -5.89
CA ASP C 150 9.54 25.31 -7.23
C ASP C 150 10.44 26.54 -7.17
N LEU C 151 10.20 27.42 -6.19
CA LEU C 151 11.06 28.60 -6.01
C LEU C 151 12.43 28.23 -5.46
N SER C 152 12.55 27.08 -4.81
CA SER C 152 13.82 26.70 -4.19
C SER C 152 14.92 26.51 -5.23
N HIS C 153 14.57 26.04 -6.42
CA HIS C 153 15.58 25.87 -7.46
C HIS C 153 16.08 27.20 -8.02
N ILE C 154 15.43 28.31 -7.67
CA ILE C 154 15.85 29.62 -8.16
C ILE C 154 16.86 30.21 -7.19
N GLY C 155 16.46 30.40 -5.94
CA GLY C 155 17.32 30.96 -4.92
C GLY C 155 17.21 30.18 -3.62
N ASP C 156 17.98 30.64 -2.64
CA ASP C 156 17.97 30.03 -1.32
C ASP C 156 17.13 30.81 -0.33
N ALA C 157 16.34 31.78 -0.80
CA ALA C 157 15.52 32.58 0.10
C ALA C 157 14.33 33.14 -0.68
N VAL C 158 13.14 32.99 -0.12
CA VAL C 158 11.95 33.65 -0.66
C VAL C 158 11.76 34.99 0.02
N VAL C 159 11.17 35.91 -0.74
CA VAL C 159 10.72 37.19 -0.23
C VAL C 159 9.21 37.15 -0.22
N ILE C 160 8.62 37.01 0.95
CA ILE C 160 7.18 36.92 1.09
C ILE C 160 6.63 38.33 1.30
N SER C 161 5.64 38.70 0.51
CA SER C 161 5.08 40.04 0.51
C SER C 161 3.56 39.97 0.66
N CYS C 162 2.96 41.09 1.06
CA CYS C 162 1.53 41.16 1.31
C CYS C 162 0.89 42.41 0.72
N VAL C 167 -0.65 38.18 -1.56
CA VAL C 167 0.60 37.55 -1.13
C VAL C 167 1.45 37.11 -2.32
N LYS C 168 2.70 37.58 -2.37
CA LYS C 168 3.63 37.21 -3.42
C LYS C 168 4.90 36.63 -2.81
N PHE C 169 5.38 35.54 -3.38
CA PHE C 169 6.64 34.93 -2.99
C PHE C 169 7.67 35.18 -4.09
N SER C 170 8.85 35.64 -3.71
CA SER C 170 9.88 36.03 -4.67
C SER C 170 11.20 35.36 -4.33
N ALA C 171 11.88 34.86 -5.37
CA ALA C 171 13.21 34.30 -5.26
C ALA C 171 14.08 34.87 -6.37
N SER C 172 15.38 34.97 -6.09
CA SER C 172 16.35 35.48 -7.04
C SER C 172 17.61 34.63 -6.97
N GLY C 173 18.12 34.23 -8.14
CA GLY C 173 19.30 33.39 -8.19
C GLY C 173 20.15 33.58 -9.42
N GLU C 174 21.09 32.66 -9.63
CA GLU C 174 22.02 32.77 -10.77
C GLU C 174 21.30 32.57 -12.10
N LEU C 175 20.31 31.67 -12.14
CA LEU C 175 19.52 31.50 -13.36
C LEU C 175 18.73 32.77 -13.66
N GLY C 176 18.05 33.30 -12.66
CA GLY C 176 17.22 34.48 -12.84
C GLY C 176 16.20 34.57 -11.73
N ASN C 177 15.43 35.65 -11.78
CA ASN C 177 14.42 35.89 -10.77
C ASN C 177 13.17 35.04 -11.01
N GLY C 178 12.45 34.76 -9.92
CA GLY C 178 11.22 34.00 -9.99
C GLY C 178 10.20 34.47 -8.99
N ASN C 179 9.02 34.84 -9.47
CA ASN C 179 7.95 35.36 -8.64
C ASN C 179 6.69 34.53 -8.82
N ILE C 180 6.01 34.25 -7.71
CA ILE C 180 4.74 33.52 -7.71
C ILE C 180 3.75 34.33 -6.88
N LYS C 181 2.56 34.56 -7.43
CA LYS C 181 1.56 35.42 -6.82
C LYS C 181 0.23 34.68 -6.65
N LEU C 182 -0.56 35.14 -5.68
CA LEU C 182 -1.84 34.53 -5.38
C LEU C 182 -2.82 35.60 -4.94
N SER C 183 -4.11 35.28 -5.06
CA SER C 183 -5.17 36.23 -4.78
C SER C 183 -6.21 35.59 -3.88
N GLN C 184 -6.98 36.45 -3.21
CA GLN C 184 -8.06 36.01 -2.34
C GLN C 184 -9.09 35.21 -3.12
N THR C 185 -9.54 34.09 -2.55
CA THR C 185 -10.59 33.29 -3.15
C THR C 185 -11.64 32.88 -2.11
N GLU C 193 -7.92 23.98 -0.75
CA GLU C 193 -9.12 24.76 -0.47
C GLU C 193 -9.04 26.13 -1.17
N ALA C 194 -9.11 27.19 -0.38
CA ALA C 194 -9.11 28.56 -0.89
C ALA C 194 -7.98 29.35 -0.26
N VAL C 195 -7.97 30.66 -0.51
CA VAL C 195 -6.90 31.55 -0.05
C VAL C 195 -7.53 32.72 0.70
N THR C 196 -6.96 33.08 1.84
CA THR C 196 -7.49 34.12 2.70
C THR C 196 -6.35 35.02 3.18
N ILE C 197 -6.43 36.30 2.85
CA ILE C 197 -5.40 37.28 3.24
C ILE C 197 -6.01 38.28 4.20
N GLU C 198 -5.17 38.87 5.05
CA GLU C 198 -5.60 39.90 5.99
C GLU C 198 -5.01 41.27 5.64
N ASN C 200 -3.97 43.61 7.44
CA ASN C 200 -3.97 44.79 8.30
C ASN C 200 -2.95 45.82 7.82
N GLU C 201 -1.68 45.41 7.80
CA GLU C 201 -0.59 46.26 7.35
C GLU C 201 0.29 45.50 6.36
N PRO C 202 0.71 46.15 5.28
CA PRO C 202 1.56 45.44 4.30
C PRO C 202 2.95 45.18 4.86
N VAL C 203 3.46 43.97 4.60
CA VAL C 203 4.78 43.56 5.03
C VAL C 203 5.46 42.81 3.90
N GLN C 204 6.79 42.91 3.86
CA GLN C 204 7.60 42.16 2.90
C GLN C 204 8.85 41.71 3.64
N LEU C 205 9.00 40.40 3.85
CA LEU C 205 10.09 39.85 4.64
C LEU C 205 10.79 38.74 3.88
N THR C 206 12.12 38.78 3.84
CA THR C 206 12.91 37.75 3.18
C THR C 206 13.16 36.61 4.16
N PHE C 207 12.78 35.40 3.77
CA PHE C 207 12.84 34.25 4.67
C PHE C 207 13.74 33.18 4.07
N ALA C 208 14.46 32.47 4.94
CA ALA C 208 15.39 31.43 4.50
C ALA C 208 14.61 30.24 3.94
N LEU C 209 14.89 29.90 2.67
CA LEU C 209 14.14 28.82 2.03
C LEU C 209 14.47 27.46 2.62
N ARG C 210 15.76 27.19 2.86
CA ARG C 210 16.15 25.85 3.31
C ARG C 210 15.39 25.45 4.57
N TYR C 211 15.12 26.40 5.46
CA TYR C 211 14.37 26.11 6.68
C TYR C 211 12.86 26.14 6.45
N LEU C 212 12.41 26.75 5.36
CA LEU C 212 10.97 26.75 5.08
C LEU C 212 10.51 25.39 4.57
N ASN C 213 11.31 24.75 3.71
CA ASN C 213 10.99 23.40 3.28
C ASN C 213 11.11 22.39 4.41
N PHE C 214 11.83 22.74 5.47
CA PHE C 214 11.83 21.92 6.68
C PHE C 214 10.42 21.78 7.21
N PHE C 215 9.71 22.91 7.37
CA PHE C 215 8.36 22.88 7.93
C PHE C 215 7.37 22.18 7.01
N THR C 216 7.56 22.30 5.69
CA THR C 216 6.62 21.72 4.74
C THR C 216 6.51 20.20 4.86
N LYS C 217 7.44 19.56 5.58
CA LYS C 217 7.35 18.12 5.79
C LYS C 217 6.18 17.75 6.71
N ALA C 218 5.57 18.73 7.37
CA ALA C 218 4.39 18.51 8.20
C ALA C 218 3.09 18.67 7.43
N THR C 219 3.15 18.80 6.11
CA THR C 219 1.94 18.92 5.30
C THR C 219 1.03 17.70 5.37
N PRO C 220 1.50 16.46 5.50
CA PRO C 220 0.56 15.33 5.59
C PRO C 220 -0.39 15.38 6.78
N LEU C 221 -0.20 16.28 7.74
CA LEU C 221 -1.06 16.32 8.92
C LEU C 221 -2.32 17.17 8.75
N SER C 222 -2.32 18.11 7.79
CA SER C 222 -3.48 18.96 7.58
C SER C 222 -3.50 19.45 6.14
N SER C 223 -4.64 20.05 5.76
CA SER C 223 -4.82 20.58 4.42
C SER C 223 -4.70 22.09 4.34
N THR C 224 -4.53 22.77 5.48
CA THR C 224 -4.43 24.22 5.53
C THR C 224 -3.16 24.60 6.27
N VAL C 225 -2.40 25.53 5.70
CA VAL C 225 -1.24 26.12 6.35
C VAL C 225 -1.50 27.61 6.50
N THR C 226 -1.17 28.17 7.66
CA THR C 226 -1.37 29.59 7.94
C THR C 226 -0.01 30.23 8.15
N LEU C 227 0.39 31.08 7.20
CA LEU C 227 1.66 31.81 7.29
C LEU C 227 1.45 33.09 8.10
N SER C 228 1.14 32.89 9.38
CA SER C 228 0.97 34.00 10.31
C SER C 228 2.28 34.78 10.38
N MET C 229 2.28 35.98 9.79
CA MET C 229 3.51 36.71 9.50
C MET C 229 3.40 38.15 9.99
N SER C 230 4.45 38.64 10.62
CA SER C 230 4.51 40.01 11.09
C SER C 230 5.95 40.49 11.05
N ALA C 231 6.13 41.79 11.24
CA ALA C 231 7.45 42.41 11.09
C ALA C 231 8.26 42.38 12.38
N ASP C 232 7.62 42.55 13.54
CA ASP C 232 8.33 42.61 14.80
C ASP C 232 8.50 41.26 15.49
N VAL C 233 8.14 40.16 14.82
CA VAL C 233 8.25 38.82 15.40
C VAL C 233 8.59 37.80 14.31
N PRO C 234 9.09 36.61 14.66
CA PRO C 234 9.33 35.59 13.63
C PRO C 234 8.03 35.11 13.02
N LEU C 235 8.12 34.67 11.76
CA LEU C 235 6.98 34.09 11.06
C LEU C 235 6.56 32.79 11.74
N VAL C 236 5.26 32.51 11.71
CA VAL C 236 4.67 31.35 12.38
C VAL C 236 3.90 30.55 11.34
N VAL C 237 4.58 29.61 10.69
CA VAL C 237 3.90 28.62 9.87
C VAL C 237 3.24 27.62 10.81
N GLU C 238 1.90 27.57 10.78
CA GLU C 238 1.14 26.74 11.68
C GLU C 238 0.37 25.70 10.89
N TYR C 239 0.50 24.43 11.29
CA TYR C 239 -0.30 23.33 10.77
C TYR C 239 -1.20 22.82 11.88
N LYS C 240 -2.44 22.50 11.53
CA LYS C 240 -3.47 22.10 12.50
C LYS C 240 -3.66 20.59 12.41
N ILE C 241 -3.05 19.85 13.35
CA ILE C 241 -3.26 18.41 13.40
C ILE C 241 -4.75 18.13 13.61
N ALA C 242 -5.29 17.22 12.79
CA ALA C 242 -6.71 16.92 12.81
C ALA C 242 -7.20 16.65 14.22
N ASP C 243 -8.07 17.53 14.73
CA ASP C 243 -8.67 17.42 16.06
C ASP C 243 -7.66 17.63 17.18
N MET C 244 -6.58 16.84 17.17
CA MET C 244 -5.78 16.69 18.38
C MET C 244 -5.04 17.97 18.76
N GLY C 245 -4.58 18.75 17.78
CA GLY C 245 -3.83 19.95 18.12
C GLY C 245 -3.25 20.62 16.89
N HIS C 246 -2.11 21.29 17.10
CA HIS C 246 -1.45 22.05 16.04
C HIS C 246 0.04 21.78 16.04
N LEU C 247 0.71 22.26 14.99
CA LEU C 247 2.16 22.14 14.86
C LEU C 247 2.67 23.50 14.35
N LYS C 248 3.21 24.30 15.26
CA LYS C 248 3.64 25.66 14.95
C LYS C 248 5.13 25.69 14.63
N TYR C 249 5.51 26.51 13.65
CA TYR C 249 6.89 26.69 13.24
C TYR C 249 7.22 28.18 13.25
N TYR C 250 8.24 28.57 14.03
CA TYR C 250 8.64 29.97 14.16
C TYR C 250 9.99 30.15 13.46
N LEU C 251 9.98 30.82 12.31
CA LEU C 251 11.20 31.07 11.55
C LEU C 251 11.49 32.57 11.51
N ALA C 252 12.72 32.94 11.85
CA ALA C 252 13.16 34.32 11.88
C ALA C 252 13.61 34.78 10.50
N PRO C 253 13.44 36.06 10.18
CA PRO C 253 13.86 36.55 8.87
C PRO C 253 15.37 36.76 8.82
N LYS C 254 15.91 36.66 7.60
CA LYS C 254 17.31 36.93 7.34
C LYS C 254 17.51 38.42 7.08
N ILE C 255 18.70 38.91 7.39
CA ILE C 255 18.99 40.33 7.26
C ILE C 255 20.39 40.56 6.71
N PHE D 2 -11.02 -22.69 20.41
CA PHE D 2 -12.08 -21.72 20.16
C PHE D 2 -11.84 -20.45 20.97
N GLU D 3 -12.02 -19.30 20.34
CA GLU D 3 -11.88 -18.02 21.02
C GLU D 3 -12.69 -16.97 20.29
N ALA D 4 -13.63 -16.33 20.98
CA ALA D 4 -14.47 -15.30 20.41
C ALA D 4 -14.59 -14.15 21.40
N ARG D 5 -14.19 -12.96 20.97
CA ARG D 5 -14.31 -11.74 21.77
C ARG D 5 -15.38 -10.86 21.14
N LEU D 6 -16.42 -10.56 21.90
CA LEU D 6 -17.46 -9.65 21.47
C LEU D 6 -17.27 -8.33 22.22
N VAL D 7 -17.14 -7.24 21.46
CA VAL D 7 -16.79 -5.95 22.06
C VAL D 7 -17.95 -5.41 22.90
N GLN D 8 -19.17 -5.50 22.39
CA GLN D 8 -20.37 -5.13 23.16
C GLN D 8 -20.98 -6.41 23.73
N GLY D 9 -20.44 -6.84 24.87
CA GLY D 9 -20.89 -8.06 25.50
C GLY D 9 -22.33 -8.03 25.98
N SER D 10 -22.96 -6.85 26.02
CA SER D 10 -24.37 -6.77 26.37
C SER D 10 -25.23 -7.67 25.50
N ILE D 11 -24.82 -7.85 24.23
CA ILE D 11 -25.56 -8.73 23.33
C ILE D 11 -25.71 -10.11 23.95
N LEU D 12 -24.61 -10.66 24.48
CA LEU D 12 -24.67 -11.98 25.09
C LEU D 12 -25.60 -12.00 26.30
N LYS D 13 -25.56 -10.95 27.12
CA LYS D 13 -26.37 -10.93 28.33
C LYS D 13 -27.85 -11.09 27.99
N LYS D 14 -28.31 -10.43 26.92
CA LYS D 14 -29.70 -10.55 26.54
C LYS D 14 -30.01 -11.86 25.84
N VAL D 15 -29.04 -12.44 25.13
CA VAL D 15 -29.27 -13.71 24.44
C VAL D 15 -29.42 -14.83 25.47
N LEU D 16 -28.51 -14.88 26.45
CA LEU D 16 -28.64 -15.87 27.51
C LEU D 16 -29.92 -15.65 28.32
N GLU D 17 -30.26 -14.39 28.58
CA GLU D 17 -31.51 -14.11 29.30
C GLU D 17 -32.72 -14.45 28.44
N ALA D 18 -32.59 -14.33 27.12
CA ALA D 18 -33.69 -14.69 26.23
C ALA D 18 -33.96 -16.20 26.27
N LEU D 19 -32.90 -17.00 26.19
CA LEU D 19 -33.03 -18.44 26.10
C LEU D 19 -33.22 -19.10 27.46
N LYS D 20 -32.97 -18.37 28.54
CA LYS D 20 -32.92 -19.00 29.86
C LYS D 20 -34.25 -19.64 30.23
N ASP D 21 -35.34 -18.88 30.13
CA ASP D 21 -36.61 -19.34 30.65
C ASP D 21 -37.22 -20.46 29.81
N LEU D 22 -36.97 -20.45 28.50
CA LEU D 22 -37.60 -21.44 27.63
C LEU D 22 -36.87 -22.79 27.72
N ILE D 23 -35.63 -22.83 27.26
CA ILE D 23 -34.82 -24.05 27.20
C ILE D 23 -33.72 -23.95 28.25
N ASN D 24 -33.57 -25.00 29.07
CA ASN D 24 -32.62 -25.01 30.17
C ASN D 24 -31.24 -25.54 29.76
N GLU D 25 -31.14 -26.17 28.59
CA GLU D 25 -29.92 -26.82 28.16
C GLU D 25 -29.92 -26.89 26.64
N ALA D 26 -28.77 -26.67 26.03
CA ALA D 26 -28.70 -26.61 24.58
C ALA D 26 -27.28 -26.91 24.12
N CYS D 27 -27.18 -27.56 22.96
CA CYS D 27 -25.89 -27.88 22.36
C CYS D 27 -25.49 -26.74 21.45
N TRP D 28 -24.69 -25.82 21.98
CA TRP D 28 -24.11 -24.75 21.17
C TRP D 28 -23.12 -25.33 20.18
N ASP D 29 -23.49 -25.36 18.90
CA ASP D 29 -22.57 -25.79 17.85
C ASP D 29 -21.60 -24.66 17.57
N ILE D 30 -20.35 -24.82 17.98
CA ILE D 30 -19.31 -23.82 17.77
C ILE D 30 -18.58 -24.22 16.49
N SER D 31 -18.77 -23.44 15.43
CA SER D 31 -18.13 -23.72 14.16
C SER D 31 -17.30 -22.52 13.72
N SER D 32 -16.57 -22.70 12.62
CA SER D 32 -15.71 -21.62 12.14
C SER D 32 -16.53 -20.46 11.59
N SER D 33 -17.62 -20.77 10.87
CA SER D 33 -18.49 -19.72 10.36
C SER D 33 -19.15 -18.93 11.48
N GLY D 34 -19.38 -19.57 12.62
CA GLY D 34 -19.93 -18.88 13.77
C GLY D 34 -20.55 -19.80 14.80
N VAL D 35 -21.65 -19.36 15.40
CA VAL D 35 -22.29 -20.03 16.52
C VAL D 35 -23.76 -20.21 16.14
N ASN D 36 -24.17 -21.44 15.90
CA ASN D 36 -25.57 -21.75 15.66
C ASN D 36 -26.07 -22.68 16.77
N LEU D 37 -27.29 -22.43 17.23
CA LEU D 37 -27.85 -23.12 18.39
C LEU D 37 -29.28 -23.56 18.10
N GLN D 38 -29.53 -24.86 18.21
CA GLN D 38 -30.87 -25.40 18.08
C GLN D 38 -31.17 -26.27 19.29
N SER D 39 -32.21 -25.90 20.03
CA SER D 39 -32.73 -26.71 21.13
C SER D 39 -34.24 -26.55 21.17
N MET D 40 -34.89 -27.42 21.93
CA MET D 40 -36.34 -27.47 22.00
C MET D 40 -36.78 -27.50 23.45
N ASP D 41 -37.93 -26.89 23.71
CA ASP D 41 -38.51 -26.96 25.04
C ASP D 41 -38.70 -28.40 25.47
N SER D 42 -38.61 -28.63 26.78
CA SER D 42 -38.96 -29.94 27.32
C SER D 42 -40.37 -30.34 26.94
N SER D 43 -41.27 -29.37 26.80
CA SER D 43 -42.64 -29.67 26.40
C SER D 43 -42.73 -30.03 24.92
N HIS D 44 -41.67 -29.77 24.16
CA HIS D 44 -41.59 -30.10 22.73
C HIS D 44 -42.69 -29.40 21.93
N VAL D 45 -43.09 -28.19 22.35
CA VAL D 45 -44.00 -27.41 21.54
C VAL D 45 -43.29 -26.22 20.91
N SER D 46 -41.98 -26.12 21.09
CA SER D 46 -41.25 -24.94 20.64
C SER D 46 -39.79 -25.30 20.37
N LEU D 47 -39.21 -24.60 19.41
CA LEU D 47 -37.81 -24.76 19.02
C LEU D 47 -37.20 -23.38 18.87
N VAL D 48 -35.96 -23.23 19.32
CA VAL D 48 -35.25 -21.96 19.25
C VAL D 48 -34.01 -22.16 18.40
N GLN D 49 -33.81 -21.26 17.44
CA GLN D 49 -32.62 -21.24 16.59
C GLN D 49 -31.88 -19.94 16.85
N LEU D 50 -30.66 -20.05 17.37
CA LEU D 50 -29.81 -18.91 17.63
C LEU D 50 -28.68 -18.90 16.62
N THR D 51 -28.41 -17.74 16.03
CA THR D 51 -27.44 -17.60 14.94
C THR D 51 -26.53 -16.42 15.23
N LEU D 52 -25.27 -16.70 15.56
CA LEU D 52 -24.25 -15.69 15.82
C LEU D 52 -23.11 -15.87 14.85
N ARG D 53 -22.95 -14.90 13.95
CA ARG D 53 -21.93 -14.96 12.91
C ARG D 53 -20.59 -14.48 13.45
N SER D 54 -19.51 -15.09 12.93
CA SER D 54 -18.17 -14.77 13.41
C SER D 54 -17.81 -13.31 13.15
N GLU D 55 -18.46 -12.68 12.17
CA GLU D 55 -18.11 -11.31 11.83
C GLU D 55 -18.52 -10.33 12.91
N GLY D 56 -19.55 -10.67 13.70
CA GLY D 56 -19.99 -9.77 14.75
C GLY D 56 -19.01 -9.67 15.90
N PHE D 57 -18.21 -10.70 16.11
CA PHE D 57 -17.14 -10.67 17.10
C PHE D 57 -15.94 -9.94 16.51
N ASP D 58 -15.40 -8.99 17.28
CA ASP D 58 -14.23 -8.25 16.81
C ASP D 58 -13.07 -9.20 16.49
N THR D 59 -12.84 -10.20 17.33
CA THR D 59 -11.81 -11.20 17.10
C THR D 59 -12.41 -12.58 17.37
N TYR D 60 -12.51 -13.40 16.33
CA TYR D 60 -13.12 -14.72 16.42
C TYR D 60 -12.15 -15.73 15.85
N ARG D 61 -11.84 -16.78 16.62
CA ARG D 61 -10.93 -17.82 16.17
C ARG D 61 -11.47 -19.16 16.63
N CYS D 62 -11.94 -19.97 15.70
CA CYS D 62 -12.48 -21.30 15.98
C CYS D 62 -11.66 -22.32 15.19
N ASP D 63 -10.71 -22.95 15.87
CA ASP D 63 -9.81 -23.90 15.20
C ASP D 63 -10.57 -25.13 14.75
N ARG D 64 -11.14 -25.87 15.71
CA ARG D 64 -11.85 -27.10 15.42
C ARG D 64 -13.32 -26.93 15.77
N ASN D 65 -14.21 -27.42 14.90
CA ASN D 65 -15.63 -27.43 15.18
C ASN D 65 -15.91 -28.29 16.41
N LEU D 66 -16.51 -27.69 17.43
CA LEU D 66 -16.88 -28.39 18.66
C LEU D 66 -18.32 -28.06 18.99
N ALA D 67 -19.01 -29.02 19.61
CA ALA D 67 -20.43 -28.90 19.94
C ALA D 67 -20.59 -28.95 21.45
N MET D 68 -20.15 -27.89 22.13
CA MET D 68 -20.22 -27.83 23.59
C MET D 68 -21.68 -27.85 24.04
N GLY D 69 -21.97 -28.67 25.04
CA GLY D 69 -23.28 -28.65 25.66
C GLY D 69 -23.27 -27.81 26.91
N VAL D 70 -23.83 -26.61 26.85
CA VAL D 70 -23.79 -25.71 27.98
C VAL D 70 -25.09 -25.82 28.76
N ASN D 71 -25.00 -25.57 30.06
CA ASN D 71 -26.17 -25.44 30.91
C ASN D 71 -26.53 -23.96 30.89
N LEU D 72 -27.57 -23.60 30.13
CA LEU D 72 -27.87 -22.18 29.94
C LEU D 72 -28.22 -21.49 31.25
N THR D 73 -28.82 -22.22 32.19
CA THR D 73 -29.16 -21.61 33.47
C THR D 73 -27.91 -21.12 34.19
N SER D 74 -26.83 -21.91 34.16
CA SER D 74 -25.57 -21.48 34.76
C SER D 74 -24.99 -20.30 33.99
N MET D 75 -24.83 -20.46 32.67
CA MET D 75 -24.31 -19.36 31.84
C MET D 75 -25.11 -18.08 32.04
N SER D 76 -26.41 -18.19 32.29
CA SER D 76 -27.25 -17.02 32.52
C SER D 76 -26.79 -16.26 33.76
N LYS D 77 -26.69 -16.95 34.90
CA LYS D 77 -26.15 -16.32 36.10
C LYS D 77 -24.74 -15.80 35.86
N ILE D 78 -23.90 -16.59 35.18
CA ILE D 78 -22.53 -16.16 34.91
C ILE D 78 -22.54 -14.87 34.10
N LEU D 79 -23.35 -14.82 33.04
CA LEU D 79 -23.42 -13.63 32.20
C LEU D 79 -24.06 -12.45 32.91
N LYS D 80 -24.68 -12.66 34.08
CA LYS D 80 -25.31 -11.55 34.79
C LYS D 80 -24.29 -10.79 35.65
N CYS D 81 -23.19 -11.44 36.02
CA CYS D 81 -22.14 -10.74 36.76
C CYS D 81 -21.55 -9.61 35.92
N ALA D 82 -21.37 -9.86 34.63
CA ALA D 82 -20.76 -8.85 33.77
C ALA D 82 -21.68 -7.63 33.64
N GLY D 83 -21.07 -6.45 33.60
CA GLY D 83 -21.82 -5.25 33.34
C GLY D 83 -22.19 -5.12 31.88
N ASN D 84 -23.20 -4.29 31.62
CA ASN D 84 -23.73 -4.17 30.25
C ASN D 84 -22.69 -3.59 29.29
N GLU D 85 -21.73 -2.81 29.79
CA GLU D 85 -20.69 -2.23 28.96
C GLU D 85 -19.38 -3.00 29.02
N ASP D 86 -19.36 -4.15 29.69
CA ASP D 86 -18.16 -4.96 29.75
C ASP D 86 -17.88 -5.60 28.39
N ILE D 87 -16.65 -6.05 28.20
CA ILE D 87 -16.20 -6.69 26.98
C ILE D 87 -16.04 -8.17 27.27
N ILE D 88 -16.84 -9.01 26.61
CA ILE D 88 -16.91 -10.43 26.92
C ILE D 88 -16.14 -11.20 25.85
N THR D 89 -15.19 -12.02 26.29
CA THR D 89 -14.48 -12.94 25.42
C THR D 89 -14.73 -14.36 25.91
N LEU D 90 -14.94 -15.28 24.97
CA LEU D 90 -15.30 -16.66 25.28
C LEU D 90 -14.26 -17.59 24.68
N ARG D 91 -13.58 -18.34 25.54
CA ARG D 91 -12.49 -19.22 25.12
C ARG D 91 -12.74 -20.63 25.61
N ALA D 92 -12.51 -21.61 24.74
CA ALA D 92 -12.64 -23.02 25.06
C ALA D 92 -11.38 -23.74 24.61
N GLU D 93 -10.68 -24.36 25.56
CA GLU D 93 -9.43 -25.03 25.24
C GLU D 93 -9.67 -26.17 24.24
N ASP D 94 -8.58 -26.66 23.67
CA ASP D 94 -8.64 -27.75 22.69
C ASP D 94 -9.36 -28.96 23.27
N ASN D 95 -10.57 -29.23 22.77
CA ASN D 95 -11.40 -30.34 23.23
C ASN D 95 -11.72 -30.22 24.72
N ALA D 96 -11.83 -29.00 25.23
CA ALA D 96 -12.06 -28.82 26.65
C ALA D 96 -13.54 -28.96 26.99
N ASP D 97 -13.80 -29.14 28.29
CA ASP D 97 -15.15 -29.26 28.82
C ASP D 97 -15.54 -28.06 29.67
N THR D 98 -14.79 -26.96 29.58
CA THR D 98 -15.09 -25.75 30.32
C THR D 98 -15.08 -24.56 29.37
N LEU D 99 -16.10 -23.72 29.47
CA LEU D 99 -16.18 -22.49 28.71
C LEU D 99 -15.65 -21.36 29.59
N ALA D 100 -14.52 -20.79 29.21
CA ALA D 100 -13.98 -19.66 29.92
C ALA D 100 -14.64 -18.38 29.42
N LEU D 101 -15.12 -17.55 30.35
CA LEU D 101 -15.65 -16.25 30.04
C LEU D 101 -14.82 -15.19 30.76
N VAL D 102 -14.54 -14.10 30.06
CA VAL D 102 -13.65 -13.05 30.57
C VAL D 102 -14.33 -11.71 30.34
N PHE D 103 -14.60 -10.99 31.42
CA PHE D 103 -15.27 -9.69 31.37
C PHE D 103 -14.26 -8.58 31.66
N GLU D 104 -14.18 -7.61 30.75
CA GLU D 104 -13.28 -6.48 30.89
C GLU D 104 -14.06 -5.18 30.75
N ALA D 105 -13.58 -4.12 31.39
CA ALA D 105 -14.26 -2.83 31.35
C ALA D 105 -13.60 -1.89 30.33
N ASN D 107 -13.61 2.68 34.06
CA ASN D 107 -13.48 1.41 33.35
C ASN D 107 -12.02 1.10 32.99
N GLN D 108 -11.78 0.31 31.94
CA GLN D 108 -10.47 -0.26 31.62
C GLN D 108 -9.96 -1.19 32.72
N GLU D 109 -9.83 -0.68 33.94
CA GLU D 109 -9.32 -1.49 35.04
C GLU D 109 -10.32 -2.58 35.41
N LYS D 110 -9.83 -3.55 36.20
CA LYS D 110 -10.58 -4.68 36.72
C LYS D 110 -10.94 -5.67 35.61
N VAL D 111 -10.61 -6.94 35.82
CA VAL D 111 -10.94 -8.02 34.91
C VAL D 111 -11.33 -9.23 35.74
N SER D 112 -12.43 -9.88 35.35
CA SER D 112 -12.98 -11.00 36.10
C SER D 112 -13.11 -12.20 35.17
N ASP D 113 -12.44 -13.30 35.53
CA ASP D 113 -12.52 -14.55 34.78
C ASP D 113 -13.45 -15.53 35.48
N TYR D 114 -14.29 -16.20 34.71
CA TYR D 114 -15.16 -17.25 35.22
C TYR D 114 -15.02 -18.48 34.33
N GLU D 115 -15.30 -19.64 34.92
CA GLU D 115 -15.21 -20.91 34.21
C GLU D 115 -16.46 -21.73 34.48
N MET D 116 -17.06 -22.25 33.42
CA MET D 116 -18.32 -22.98 33.48
C MET D 116 -18.11 -24.41 32.99
N LYS D 117 -18.65 -25.37 33.73
CA LYS D 117 -18.59 -26.76 33.29
C LYS D 117 -19.55 -26.99 32.13
N LEU D 118 -19.13 -27.80 31.17
CA LEU D 118 -19.90 -28.07 29.96
C LEU D 118 -20.62 -29.41 30.11
N MET D 119 -21.94 -29.38 30.00
CA MET D 119 -22.73 -30.60 30.01
C MET D 119 -22.54 -31.34 28.69
N ASP D 120 -23.07 -32.56 28.63
CA ASP D 120 -22.95 -33.39 27.44
C ASP D 120 -24.32 -33.48 26.78
N LEU D 121 -24.52 -32.70 25.72
CA LEU D 121 -25.76 -32.67 24.95
C LEU D 121 -25.41 -32.94 23.49
N ASP D 122 -25.28 -34.22 23.14
CA ASP D 122 -24.95 -34.62 21.77
C ASP D 122 -26.26 -34.80 21.00
N VAL D 123 -26.77 -33.70 20.47
CA VAL D 123 -27.96 -33.73 19.61
C VAL D 123 -27.60 -33.09 18.28
N GLU D 124 -27.74 -33.88 17.21
CA GLU D 124 -27.48 -33.36 15.88
C GLU D 124 -28.60 -32.43 15.45
N GLN D 125 -28.22 -31.22 15.04
CA GLN D 125 -29.20 -30.19 14.72
C GLN D 125 -29.99 -30.59 13.47
N LEU D 126 -31.31 -30.53 13.57
CA LEU D 126 -32.13 -30.86 12.40
C LEU D 126 -32.10 -29.71 11.39
N GLY D 127 -32.48 -30.02 10.16
CA GLY D 127 -32.41 -29.05 9.09
C GLY D 127 -33.65 -28.21 8.91
N ILE D 128 -33.56 -26.93 9.22
CA ILE D 128 -34.69 -26.00 9.00
C ILE D 128 -34.70 -25.59 7.53
N PRO D 129 -35.84 -25.68 6.85
CA PRO D 129 -35.91 -25.16 5.48
C PRO D 129 -36.50 -23.76 5.39
N GLU D 130 -35.95 -22.93 4.52
CA GLU D 130 -36.58 -21.68 4.16
C GLU D 130 -37.99 -21.97 3.66
N GLN D 131 -38.97 -21.29 4.23
CA GLN D 131 -40.36 -21.67 4.01
C GLN D 131 -41.20 -20.46 3.67
N GLU D 132 -42.37 -20.72 3.09
CA GLU D 132 -43.29 -19.67 2.68
C GLU D 132 -44.47 -19.64 3.65
N TYR D 133 -44.76 -18.46 4.17
CA TYR D 133 -45.77 -18.28 5.21
C TYR D 133 -46.92 -17.45 4.65
N SER D 134 -48.15 -17.94 4.87
CA SER D 134 -49.33 -17.28 4.33
C SER D 134 -49.43 -15.83 4.78
N CYS D 135 -49.09 -15.56 6.03
CA CYS D 135 -49.11 -14.20 6.56
C CYS D 135 -47.81 -13.93 7.32
N VAL D 136 -47.25 -12.75 7.09
CA VAL D 136 -46.05 -12.30 7.80
C VAL D 136 -46.30 -10.87 8.24
N VAL D 137 -46.30 -10.65 9.56
CA VAL D 137 -46.60 -9.34 10.14
C VAL D 137 -45.37 -8.84 10.88
N LYS D 138 -44.94 -7.62 10.55
CA LYS D 138 -43.87 -6.94 11.25
C LYS D 138 -44.47 -5.79 12.04
N MET D 139 -43.95 -5.56 13.24
CA MET D 139 -44.53 -4.58 14.15
C MET D 139 -43.47 -4.18 15.16
N PRO D 140 -43.69 -3.08 15.90
CA PRO D 140 -42.76 -2.74 16.98
C PRO D 140 -42.67 -3.86 18.01
N SER D 141 -41.49 -3.99 18.59
CA SER D 141 -41.26 -5.08 19.55
C SER D 141 -42.07 -4.91 20.81
N GLY D 142 -42.13 -3.68 21.35
CA GLY D 142 -42.76 -3.46 22.64
C GLY D 142 -44.25 -3.68 22.65
N GLU D 143 -44.92 -3.44 21.52
CA GLU D 143 -46.36 -3.64 21.45
C GLU D 143 -46.72 -5.11 21.29
N PHE D 144 -45.82 -5.94 20.74
CA PHE D 144 -46.05 -7.38 20.77
C PHE D 144 -46.08 -7.89 22.21
N ALA D 145 -45.16 -7.41 23.05
CA ALA D 145 -45.12 -7.85 24.44
C ALA D 145 -46.26 -7.27 25.26
N ARG D 146 -46.59 -5.99 25.05
CA ARG D 146 -47.73 -5.41 25.76
C ARG D 146 -49.03 -6.11 25.39
N ILE D 147 -49.20 -6.47 24.12
CA ILE D 147 -50.39 -7.20 23.71
C ILE D 147 -50.37 -8.61 24.28
N CYS D 148 -49.22 -9.27 24.24
CA CYS D 148 -49.10 -10.61 24.81
C CYS D 148 -49.40 -10.61 26.31
N ARG D 149 -48.82 -9.66 27.05
CA ARG D 149 -49.01 -9.64 28.50
C ARG D 149 -50.44 -9.27 28.87
N ASP D 150 -50.98 -8.23 28.23
CA ASP D 150 -52.36 -7.81 28.55
C ASP D 150 -53.35 -8.93 28.26
N LEU D 151 -53.23 -9.58 27.10
CA LEU D 151 -54.17 -10.64 26.74
C LEU D 151 -54.02 -11.90 27.58
N SER D 152 -52.88 -12.07 28.27
CA SER D 152 -52.69 -13.26 29.08
C SER D 152 -53.58 -13.23 30.33
N HIS D 153 -53.83 -12.04 30.88
CA HIS D 153 -54.74 -11.91 32.02
C HIS D 153 -56.15 -12.31 31.67
N ILE D 154 -56.52 -12.24 30.40
CA ILE D 154 -57.86 -12.63 29.96
C ILE D 154 -57.86 -14.10 29.53
N ASP D 156 -55.33 -17.12 28.49
CA ASP D 156 -54.30 -18.15 28.53
C ASP D 156 -53.79 -18.48 27.12
N ALA D 157 -54.57 -18.13 26.11
CA ALA D 157 -54.21 -18.37 24.72
C ALA D 157 -54.73 -17.24 23.86
N VAL D 158 -54.02 -16.98 22.76
CA VAL D 158 -54.32 -15.85 21.88
C VAL D 158 -54.69 -16.36 20.50
N VAL D 159 -55.61 -15.65 19.84
CA VAL D 159 -56.05 -15.95 18.48
C VAL D 159 -55.51 -14.86 17.56
N ILE D 160 -54.72 -15.25 16.57
CA ILE D 160 -54.05 -14.31 15.68
C ILE D 160 -54.81 -14.30 14.36
N SER D 161 -55.62 -13.26 14.12
CA SER D 161 -56.35 -13.10 12.88
C SER D 161 -55.63 -12.10 12.00
N CYS D 162 -55.20 -12.54 10.82
CA CYS D 162 -54.38 -11.73 9.92
C CYS D 162 -55.27 -11.19 8.80
N ALA D 163 -55.47 -9.86 8.78
CA ALA D 163 -56.19 -9.18 7.73
C ALA D 163 -55.66 -7.75 7.62
N LYS D 164 -55.51 -7.27 6.38
CA LYS D 164 -54.95 -5.95 6.14
C LYS D 164 -55.72 -4.84 6.86
N VAL D 167 -54.24 -7.08 11.20
CA VAL D 167 -54.04 -8.18 12.14
C VAL D 167 -54.77 -7.91 13.45
N LYS D 168 -55.46 -8.93 13.97
CA LYS D 168 -56.20 -8.83 15.24
C LYS D 168 -55.80 -9.97 16.16
N PHE D 169 -55.43 -9.63 17.40
CA PHE D 169 -55.15 -10.61 18.44
C PHE D 169 -56.36 -10.75 19.35
N SER D 170 -56.79 -11.98 19.57
CA SER D 170 -57.96 -12.26 20.39
C SER D 170 -57.58 -13.15 21.57
N ALA D 171 -58.22 -12.91 22.72
CA ALA D 171 -58.07 -13.76 23.89
C ALA D 171 -59.38 -13.74 24.66
N SER D 172 -59.72 -14.87 25.27
CA SER D 172 -60.96 -14.96 26.02
C SER D 172 -60.75 -15.85 27.24
N GLY D 173 -61.33 -15.46 28.35
CA GLY D 173 -61.19 -16.21 29.59
C GLY D 173 -62.29 -15.93 30.59
N GLU D 174 -61.91 -16.02 31.87
CA GLU D 174 -62.86 -15.98 32.97
C GLU D 174 -63.48 -14.59 33.13
N LEU D 175 -62.63 -13.56 33.28
CA LEU D 175 -63.11 -12.19 33.40
C LEU D 175 -63.95 -11.79 32.20
N GLY D 176 -63.57 -12.24 31.01
CA GLY D 176 -64.35 -12.00 29.81
C GLY D 176 -63.60 -12.28 28.53
N ASN D 177 -63.73 -11.38 27.56
CA ASN D 177 -63.16 -11.56 26.24
C ASN D 177 -62.45 -10.27 25.82
N GLY D 178 -61.40 -10.41 25.03
CA GLY D 178 -60.66 -9.25 24.56
C GLY D 178 -60.09 -9.39 23.16
N ASN D 179 -60.27 -8.36 22.34
CA ASN D 179 -59.70 -8.30 20.99
C ASN D 179 -58.87 -7.03 20.87
N ILE D 180 -57.65 -7.17 20.35
CA ILE D 180 -56.79 -6.04 20.04
C ILE D 180 -56.51 -6.10 18.53
N LYS D 181 -57.01 -5.11 17.79
CA LYS D 181 -56.92 -5.10 16.35
C LYS D 181 -55.88 -4.07 15.90
N LEU D 182 -55.16 -4.40 14.82
CA LEU D 182 -54.08 -3.57 14.31
C LEU D 182 -54.20 -3.42 12.80
N SER D 183 -53.71 -2.31 12.29
CA SER D 183 -53.59 -2.09 10.85
C SER D 183 -52.29 -1.34 10.58
N GLN D 184 -52.16 -0.83 9.37
CA GLN D 184 -50.88 -0.33 8.88
C GLN D 184 -50.61 1.11 9.32
N GLU D 193 -41.09 1.25 14.36
CA GLU D 193 -42.40 1.78 14.66
C GLU D 193 -43.45 1.32 13.64
N ALA D 194 -43.00 1.04 12.43
CA ALA D 194 -43.88 0.69 11.33
C ALA D 194 -44.60 -0.64 11.61
N VAL D 195 -45.65 -0.90 10.82
CA VAL D 195 -46.41 -2.13 10.91
C VAL D 195 -46.73 -2.57 9.48
N THR D 196 -46.21 -3.73 9.08
CA THR D 196 -46.43 -4.27 7.74
C THR D 196 -47.17 -5.60 7.85
N ILE D 197 -48.22 -5.77 7.06
CA ILE D 197 -49.00 -6.99 7.07
C ILE D 197 -49.03 -7.56 5.66
N GLU D 198 -47.89 -8.09 5.21
CA GLU D 198 -47.79 -8.69 3.88
C GLU D 198 -48.34 -10.11 3.95
N MET D 199 -49.53 -10.32 3.39
CA MET D 199 -50.24 -11.58 3.51
C MET D 199 -50.52 -12.16 2.13
N ASN D 200 -50.04 -13.38 1.90
CA ASN D 200 -50.42 -14.15 0.72
C ASN D 200 -51.89 -14.55 0.82
N GLU D 201 -52.20 -15.40 1.79
CA GLU D 201 -53.57 -15.82 2.06
C GLU D 201 -53.90 -15.63 3.53
N PRO D 202 -55.09 -15.10 3.84
CA PRO D 202 -55.44 -14.87 5.25
C PRO D 202 -55.56 -16.17 6.01
N VAL D 203 -54.94 -16.23 7.19
CA VAL D 203 -55.00 -17.41 8.05
C VAL D 203 -55.06 -16.94 9.50
N GLN D 204 -55.89 -17.62 10.29
CA GLN D 204 -55.94 -17.41 11.73
C GLN D 204 -55.40 -18.65 12.45
N LEU D 205 -54.85 -18.42 13.64
CA LEU D 205 -54.26 -19.50 14.43
C LEU D 205 -54.35 -19.13 15.90
N THR D 206 -54.35 -20.17 16.74
CA THR D 206 -54.43 -20.01 18.19
C THR D 206 -53.19 -20.64 18.82
N PHE D 207 -52.43 -19.84 19.56
CA PHE D 207 -51.21 -20.29 20.21
C PHE D 207 -51.31 -20.07 21.70
N ALA D 208 -50.60 -20.91 22.46
CA ALA D 208 -50.59 -20.79 23.90
C ALA D 208 -49.86 -19.51 24.31
N LEU D 209 -50.56 -18.60 24.98
CA LEU D 209 -49.95 -17.33 25.34
C LEU D 209 -48.77 -17.51 26.29
N ARG D 210 -48.76 -18.59 27.07
CA ARG D 210 -47.62 -18.85 27.96
C ARG D 210 -46.32 -18.84 27.18
N TYR D 211 -46.27 -19.65 26.11
CA TYR D 211 -45.01 -19.83 25.39
C TYR D 211 -44.66 -18.63 24.53
N LEU D 212 -45.64 -17.81 24.18
CA LEU D 212 -45.34 -16.57 23.48
C LEU D 212 -44.58 -15.60 24.38
N ASN D 213 -44.98 -15.51 25.65
CA ASN D 213 -44.31 -14.62 26.60
C ASN D 213 -42.89 -15.08 26.93
N PHE D 214 -42.60 -16.37 26.78
CA PHE D 214 -41.21 -16.82 26.90
C PHE D 214 -40.32 -16.19 25.84
N PHE D 215 -40.85 -16.04 24.62
CA PHE D 215 -40.05 -15.45 23.55
C PHE D 215 -39.81 -13.97 23.76
N THR D 216 -40.79 -13.26 24.33
CA THR D 216 -40.68 -11.81 24.47
C THR D 216 -39.57 -11.37 25.41
N LYS D 217 -38.88 -12.30 26.08
CA LYS D 217 -37.74 -11.91 26.90
C LYS D 217 -36.54 -11.52 26.06
N ALA D 218 -36.52 -11.88 24.78
CA ALA D 218 -35.49 -11.49 23.83
C ALA D 218 -35.74 -10.11 23.22
N THR D 219 -36.69 -9.36 23.79
CA THR D 219 -37.05 -8.06 23.22
C THR D 219 -35.89 -7.06 23.11
N PRO D 220 -34.99 -6.92 24.09
CA PRO D 220 -33.92 -5.90 23.96
C PRO D 220 -33.03 -6.06 22.74
N LEU D 221 -33.07 -7.20 22.04
CA LEU D 221 -32.09 -7.46 20.99
C LEU D 221 -32.37 -6.67 19.73
N SER D 222 -33.64 -6.42 19.43
CA SER D 222 -34.03 -5.63 18.26
C SER D 222 -35.23 -4.77 18.62
N SER D 223 -35.46 -3.75 17.81
CA SER D 223 -36.60 -2.87 17.98
C SER D 223 -37.79 -3.29 17.14
N THR D 224 -37.69 -4.39 16.40
CA THR D 224 -38.77 -4.84 15.53
C THR D 224 -38.86 -6.36 15.59
N VAL D 225 -40.08 -6.86 15.41
CA VAL D 225 -40.38 -8.29 15.45
C VAL D 225 -41.13 -8.69 14.19
N THR D 226 -40.82 -9.88 13.66
CA THR D 226 -41.57 -10.49 12.58
C THR D 226 -42.41 -11.64 13.12
N LEU D 227 -43.57 -11.86 12.49
CA LEU D 227 -44.51 -12.92 12.89
C LEU D 227 -44.90 -13.69 11.63
N SER D 228 -44.07 -14.66 11.24
CA SER D 228 -44.32 -15.45 10.04
C SER D 228 -45.23 -16.61 10.42
N MET D 229 -46.45 -16.61 9.87
CA MET D 229 -47.41 -17.67 10.15
C MET D 229 -47.90 -18.29 8.86
N SER D 230 -48.22 -19.57 8.92
CA SER D 230 -49.01 -20.22 7.88
C SER D 230 -49.73 -21.40 8.50
N ALA D 231 -50.71 -21.93 7.78
CA ALA D 231 -51.54 -23.00 8.31
C ALA D 231 -50.77 -24.31 8.41
N ASP D 232 -49.82 -24.55 7.52
CA ASP D 232 -49.18 -25.85 7.40
C ASP D 232 -47.85 -25.94 8.12
N VAL D 233 -47.38 -24.86 8.73
CA VAL D 233 -46.10 -24.86 9.44
C VAL D 233 -46.28 -24.13 10.77
N PRO D 234 -45.36 -24.36 11.71
CA PRO D 234 -45.43 -23.63 12.97
C PRO D 234 -45.09 -22.15 12.79
N LEU D 235 -45.57 -21.35 13.74
CA LEU D 235 -45.29 -19.91 13.75
C LEU D 235 -43.79 -19.66 13.96
N VAL D 236 -43.29 -18.62 13.31
CA VAL D 236 -41.89 -18.24 13.40
C VAL D 236 -41.82 -16.78 13.83
N VAL D 237 -41.25 -16.54 15.01
CA VAL D 237 -41.04 -15.21 15.56
C VAL D 237 -39.55 -14.91 15.50
N GLU D 238 -39.16 -13.93 14.71
CA GLU D 238 -37.76 -13.61 14.47
C GLU D 238 -37.39 -12.28 15.10
N TYR D 239 -36.44 -12.31 16.04
CA TYR D 239 -35.83 -11.11 16.59
C TYR D 239 -34.44 -10.98 15.96
N LYS D 240 -34.30 -10.05 15.02
CA LYS D 240 -33.04 -9.86 14.32
C LYS D 240 -32.00 -9.32 15.29
N ILE D 241 -31.04 -10.18 15.68
CA ILE D 241 -29.96 -9.73 16.55
C ILE D 241 -29.22 -8.59 15.87
N ALA D 242 -29.01 -7.49 16.61
CA ALA D 242 -28.45 -6.26 16.06
C ALA D 242 -27.18 -6.50 15.26
N ASP D 243 -27.35 -6.87 13.98
CA ASP D 243 -26.31 -7.01 12.98
C ASP D 243 -25.33 -8.15 13.25
N MET D 244 -25.59 -8.99 14.26
CA MET D 244 -24.80 -10.18 14.48
C MET D 244 -25.49 -11.46 14.02
N GLY D 245 -26.77 -11.38 13.65
CA GLY D 245 -27.50 -12.57 13.31
C GLY D 245 -28.98 -12.42 13.59
N HIS D 246 -29.58 -13.44 14.19
CA HIS D 246 -31.01 -13.42 14.44
C HIS D 246 -31.36 -14.48 15.48
N LEU D 247 -32.48 -14.26 16.15
CA LEU D 247 -33.05 -15.20 17.10
C LEU D 247 -34.45 -15.57 16.63
N LYS D 248 -34.67 -16.85 16.34
CA LYS D 248 -35.91 -17.32 15.77
C LYS D 248 -36.55 -18.34 16.69
N TYR D 249 -37.84 -18.18 16.96
CA TYR D 249 -38.62 -19.08 17.80
C TYR D 249 -39.71 -19.74 16.98
N TYR D 250 -39.95 -21.02 17.22
CA TYR D 250 -41.01 -21.78 16.58
C TYR D 250 -42.04 -22.21 17.62
N LEU D 251 -43.31 -22.26 17.21
CA LEU D 251 -44.40 -22.62 18.11
C LEU D 251 -45.53 -23.26 17.33
N ALA D 252 -46.18 -24.27 17.92
CA ALA D 252 -47.27 -25.05 17.35
C ALA D 252 -48.62 -24.55 17.87
N PRO D 253 -49.62 -24.47 17.00
CA PRO D 253 -50.96 -24.06 17.45
C PRO D 253 -51.65 -25.16 18.24
N LYS D 254 -52.62 -24.74 19.05
CA LYS D 254 -53.37 -25.65 19.92
C LYS D 254 -54.49 -26.34 19.13
N ILE D 255 -54.81 -27.56 19.55
CA ILE D 255 -55.91 -28.31 18.95
C ILE D 255 -56.34 -29.45 19.87
#